data_8K2G
#
_entry.id   8K2G
#
_cell.length_a   53.214
_cell.length_b   69.679
_cell.length_c   71.113
_cell.angle_alpha   88.41
_cell.angle_beta   74.33
_cell.angle_gamma   87.93
#
_symmetry.space_group_name_H-M   'P 1'
#
loop_
_entity.id
_entity.type
_entity.pdbx_description
1 polymer 'Oligosaccharide-releasing beta-N-acetylgalactosaminidase'
2 non-polymer 'MAGNESIUM ION'
3 water water
#
_entity_poly.entity_id   1
_entity_poly.type   'polypeptide(L)'
_entity_poly.pdbx_seq_one_letter_code
;GPGMANTQKTLSLSVWTASSQERVRQDDPAGESLNIELFAARGEYESFQVALKAPEGEHRNVHFVVSDLKGTGDSFISKS
NLTLYREHYVYISESSPQRGTVLPEGPGWYPDALIPFIDPATNEPPSGGELIAVPFALENNSNQVIWVDIQVPRDAEAGH
YSGSYIVSSEHGEVTGQISLTVWNFELPLKPSLKSTFLIWSSRKKSTVEELLKHKLMCQQWNLSEEEKGAAPTSEGEWIE
KYGVNCSGLGFWSKADTFNGVMPPPPTVEEIQAAASAHPSNLFLYNYTADEIGHYTSLYEPIKAWARNLHEAGVANLITM
APVPELYDDGSGSGRSAVDIWVILPLQYDKDRIQEVLAKGDEVWSYNCCVQDDYSPKWQIDFNPIEYRIQPGFINQSLGM
TGILYWRVDFWTEDPWHDVLTLRADGMEFNGEGMLVYPGEQVGIDGVVPSIRLKAIRKGIEDYEYIEILKNLGHEQWALE
ISQSVGPDWHNWTKDHHKLEWARKQLGERINDLMTK
;
_entity_poly.pdbx_strand_id   B,A
#
# COMPACT_ATOMS: atom_id res chain seq x y z
N SER A 12 20.68 -24.00 -20.68
CA SER A 12 19.39 -23.96 -21.41
C SER A 12 18.27 -23.86 -20.35
N LEU A 13 17.52 -22.78 -20.46
CA LEU A 13 16.47 -22.51 -19.49
C LEU A 13 15.15 -22.28 -20.21
N SER A 14 14.24 -23.25 -20.05
CA SER A 14 12.96 -23.27 -20.69
C SER A 14 11.90 -22.75 -19.71
N VAL A 15 11.16 -21.69 -20.09
CA VAL A 15 10.25 -20.97 -19.19
C VAL A 15 8.90 -20.91 -19.87
N TRP A 16 7.83 -21.11 -19.11
CA TRP A 16 6.50 -20.91 -19.69
C TRP A 16 5.52 -20.61 -18.56
N THR A 17 4.36 -20.04 -18.93
CA THR A 17 3.29 -19.75 -17.99
C THR A 17 2.15 -20.75 -18.09
N ALA A 18 1.40 -20.82 -16.99
CA ALA A 18 0.20 -21.64 -16.87
C ALA A 18 -0.85 -20.86 -16.08
N SER A 19 -2.13 -21.14 -16.39
CA SER A 19 -3.26 -20.52 -15.67
C SER A 19 -3.40 -21.11 -14.27
N SER A 20 -4.18 -20.43 -13.41
CA SER A 20 -4.28 -20.78 -11.98
C SER A 20 -4.72 -22.22 -11.71
N GLN A 21 -5.73 -22.72 -12.45
CA GLN A 21 -6.23 -24.07 -12.24
C GLN A 21 -5.70 -25.10 -13.26
N GLU A 22 -4.55 -24.81 -13.87
CA GLU A 22 -3.81 -25.76 -14.70
C GLU A 22 -2.77 -26.45 -13.83
N ARG A 23 -2.80 -27.77 -13.71
CA ARG A 23 -1.76 -28.50 -12.96
C ARG A 23 -0.50 -28.60 -13.83
N VAL A 24 0.67 -28.23 -13.30
CA VAL A 24 1.94 -28.43 -14.01
C VAL A 24 2.66 -29.60 -13.34
N ARG A 25 2.80 -30.72 -14.06
CA ARG A 25 3.48 -31.93 -13.59
C ARG A 25 4.99 -31.74 -13.71
N GLN A 26 5.76 -32.48 -12.91
CA GLN A 26 7.22 -32.45 -12.95
C GLN A 26 7.75 -32.79 -14.34
N ASP A 27 7.06 -33.67 -15.09
CA ASP A 27 7.51 -34.08 -16.41
C ASP A 27 6.72 -33.46 -17.56
N ASP A 28 5.93 -32.40 -17.32
CA ASP A 28 5.22 -31.79 -18.43
C ASP A 28 6.23 -31.14 -19.38
N PRO A 29 5.94 -31.17 -20.70
CA PRO A 29 6.75 -30.43 -21.65
C PRO A 29 6.53 -28.92 -21.56
N ALA A 30 7.53 -28.18 -22.04
CA ALA A 30 7.41 -26.71 -22.04
C ALA A 30 6.23 -26.24 -22.89
N GLY A 31 5.48 -25.25 -22.39
CA GLY A 31 4.40 -24.62 -23.13
C GLY A 31 4.92 -23.55 -24.10
N GLU A 32 3.99 -22.91 -24.82
CA GLU A 32 4.33 -22.06 -25.95
C GLU A 32 4.51 -20.58 -25.58
N SER A 33 4.00 -20.12 -24.43
CA SER A 33 4.17 -18.71 -24.11
C SER A 33 4.81 -18.54 -22.74
N LEU A 34 5.67 -17.51 -22.59
CA LEU A 34 6.16 -17.15 -21.26
C LEU A 34 5.58 -15.81 -20.80
N ASN A 35 4.52 -15.30 -21.46
CA ASN A 35 3.80 -14.10 -21.01
C ASN A 35 2.46 -14.51 -20.40
N ILE A 36 1.84 -13.60 -19.63
CA ILE A 36 0.52 -13.91 -19.11
C ILE A 36 -0.37 -12.69 -19.34
N GLU A 37 -1.67 -12.92 -19.62
CA GLU A 37 -2.65 -11.85 -19.72
C GLU A 37 -3.83 -12.14 -18.80
N LEU A 38 -4.11 -11.21 -17.85
CA LEU A 38 -5.13 -11.43 -16.85
C LEU A 38 -6.10 -10.28 -16.81
N PHE A 39 -7.27 -10.58 -16.22
CA PHE A 39 -8.35 -9.60 -16.06
C PHE A 39 -8.90 -9.73 -14.64
N ALA A 40 -9.16 -8.61 -13.97
CA ALA A 40 -9.68 -8.68 -12.60
C ALA A 40 -10.30 -7.37 -12.14
N ALA A 41 -11.20 -7.51 -11.15
CA ALA A 41 -11.83 -6.37 -10.50
C ALA A 41 -11.01 -5.87 -9.34
N ARG A 42 -11.32 -4.65 -8.87
CA ARG A 42 -10.76 -4.18 -7.62
C ARG A 42 -11.13 -5.13 -6.48
N GLY A 43 -10.17 -5.39 -5.59
CA GLY A 43 -10.36 -6.24 -4.43
C GLY A 43 -10.40 -7.73 -4.77
N GLU A 44 -9.93 -8.10 -5.97
CA GLU A 44 -9.94 -9.48 -6.41
C GLU A 44 -8.49 -9.95 -6.57
N TYR A 45 -8.25 -11.26 -6.37
CA TYR A 45 -7.02 -11.93 -6.77
C TYR A 45 -7.17 -12.56 -8.14
N GLU A 46 -6.05 -12.50 -8.88
CA GLU A 46 -5.82 -13.37 -10.02
C GLU A 46 -4.42 -13.93 -9.85
N SER A 47 -4.23 -15.14 -10.35
CA SER A 47 -2.97 -15.84 -10.13
C SER A 47 -2.48 -16.45 -11.44
N PHE A 48 -1.17 -16.72 -11.52
CA PHE A 48 -0.65 -17.50 -12.63
C PHE A 48 0.61 -18.19 -12.12
N GLN A 49 1.10 -19.14 -12.92
CA GLN A 49 2.27 -19.93 -12.61
C GLN A 49 3.35 -19.74 -13.66
N VAL A 50 4.61 -19.72 -13.18
CA VAL A 50 5.79 -19.75 -14.05
C VAL A 50 6.49 -21.07 -13.83
N ALA A 51 6.52 -21.86 -14.90
CA ALA A 51 7.11 -23.19 -14.93
C ALA A 51 8.48 -23.09 -15.61
N LEU A 52 9.44 -23.88 -15.08
CA LEU A 52 10.83 -23.84 -15.45
C LEU A 52 11.30 -25.26 -15.70
N LYS A 53 12.09 -25.47 -16.76
CA LYS A 53 12.72 -26.76 -17.05
C LYS A 53 14.16 -26.51 -17.47
N ALA A 54 15.07 -27.38 -17.02
CA ALA A 54 16.42 -27.42 -17.59
C ALA A 54 16.53 -28.64 -18.49
N PRO A 55 16.37 -28.52 -19.83
CA PRO A 55 16.36 -29.69 -20.70
C PRO A 55 17.75 -30.34 -20.73
N GLU A 56 18.80 -29.53 -20.55
CA GLU A 56 20.19 -29.98 -20.58
C GLU A 56 20.89 -29.46 -19.34
N GLY A 57 21.38 -30.35 -18.49
CA GLY A 57 22.20 -29.93 -17.37
C GLY A 57 21.35 -29.51 -16.17
N GLU A 58 21.93 -28.62 -15.35
CA GLU A 58 21.30 -28.16 -14.11
C GLU A 58 21.56 -26.66 -13.94
N HIS A 59 20.65 -26.00 -13.20
CA HIS A 59 20.84 -24.65 -12.70
C HIS A 59 20.86 -24.73 -11.18
N ARG A 60 21.98 -24.36 -10.59
CA ARG A 60 22.19 -24.59 -9.18
C ARG A 60 21.49 -23.53 -8.33
N ASN A 61 21.52 -22.28 -8.85
CA ASN A 61 21.17 -21.10 -8.07
C ASN A 61 20.15 -20.29 -8.88
N VAL A 62 18.87 -20.64 -8.82
CA VAL A 62 17.83 -19.93 -9.58
C VAL A 62 17.13 -18.95 -8.65
N HIS A 63 16.97 -17.71 -9.13
CA HIS A 63 16.30 -16.62 -8.42
C HIS A 63 15.07 -16.17 -9.23
N PHE A 64 14.16 -15.42 -8.59
CA PHE A 64 12.90 -15.06 -9.22
C PHE A 64 12.40 -13.78 -8.58
N VAL A 65 12.20 -12.72 -9.39
CA VAL A 65 11.69 -11.45 -8.92
C VAL A 65 10.57 -10.95 -9.82
N VAL A 66 9.75 -10.03 -9.26
CA VAL A 66 8.71 -9.36 -10.04
C VAL A 66 8.85 -7.85 -9.93
N SER A 67 8.31 -7.17 -10.95
CA SER A 67 8.27 -5.71 -11.00
C SER A 67 6.97 -5.13 -10.45
N ASP A 68 6.95 -3.79 -10.32
CA ASP A 68 5.67 -3.10 -10.18
C ASP A 68 4.89 -3.18 -11.49
N LEU A 69 3.56 -3.00 -11.40
CA LEU A 69 2.73 -2.97 -12.60
C LEU A 69 2.34 -1.52 -12.89
N LYS A 70 2.63 -1.06 -14.10
CA LYS A 70 2.42 0.32 -14.45
C LYS A 70 1.40 0.44 -15.57
N GLY A 71 0.53 1.43 -15.42
CA GLY A 71 -0.48 1.71 -16.42
C GLY A 71 -0.34 3.11 -17.01
N THR A 72 -1.41 3.59 -17.65
CA THR A 72 -1.35 4.90 -18.29
C THR A 72 -1.23 5.97 -17.23
N GLY A 73 -0.47 7.02 -17.56
CA GLY A 73 -0.34 8.17 -16.68
C GLY A 73 0.33 7.75 -15.38
N ASP A 74 -0.29 8.14 -14.27
CA ASP A 74 0.31 7.85 -13.00
C ASP A 74 -0.19 6.50 -12.46
N SER A 75 -0.95 5.72 -13.25
CA SER A 75 -1.56 4.52 -12.71
C SER A 75 -0.46 3.50 -12.38
N PHE A 76 -0.59 2.88 -11.20
CA PHE A 76 0.49 2.09 -10.61
C PHE A 76 -0.06 1.11 -9.60
N ILE A 77 0.38 -0.15 -9.71
CA ILE A 77 0.13 -1.14 -8.69
C ILE A 77 1.48 -1.64 -8.16
N SER A 78 1.72 -1.42 -6.86
CA SER A 78 2.99 -1.83 -6.25
C SER A 78 3.15 -3.35 -6.31
N LYS A 79 4.41 -3.78 -6.45
CA LYS A 79 4.76 -5.20 -6.37
C LYS A 79 4.48 -5.72 -4.98
N SER A 80 4.19 -4.83 -4.00
CA SER A 80 3.83 -5.28 -2.67
C SER A 80 2.48 -6.03 -2.71
N ASN A 81 1.74 -5.84 -3.79
CA ASN A 81 0.43 -6.50 -3.99
C ASN A 81 0.55 -7.89 -4.61
N LEU A 82 1.79 -8.29 -4.92
CA LEU A 82 2.06 -9.60 -5.48
C LEU A 82 2.61 -10.48 -4.36
N THR A 83 2.10 -11.72 -4.27
CA THR A 83 2.59 -12.70 -3.32
C THR A 83 3.17 -13.91 -4.07
N LEU A 84 4.41 -14.28 -3.72
CA LEU A 84 5.15 -15.31 -4.45
C LEU A 84 5.39 -16.53 -3.55
N TYR A 85 5.33 -17.71 -4.19
CA TYR A 85 5.57 -19.01 -3.57
C TYR A 85 6.23 -19.94 -4.59
N ARG A 86 7.09 -20.85 -4.11
CA ARG A 86 7.52 -21.96 -4.93
C ARG A 86 6.70 -23.20 -4.59
N GLU A 87 6.21 -23.88 -5.64
CA GLU A 87 5.40 -25.07 -5.46
C GLU A 87 6.25 -26.22 -4.93
N HIS A 88 5.71 -26.91 -3.89
CA HIS A 88 6.32 -28.12 -3.36
C HIS A 88 5.53 -29.35 -3.83
N TYR A 89 6.23 -30.30 -4.46
CA TYR A 89 5.60 -31.53 -4.92
C TYR A 89 5.62 -32.59 -3.82
N VAL A 90 4.48 -33.27 -3.68
CA VAL A 90 4.29 -34.32 -2.68
C VAL A 90 4.05 -35.62 -3.43
N TYR A 91 4.58 -36.75 -2.93
CA TYR A 91 4.41 -38.01 -3.66
C TYR A 91 3.22 -38.79 -3.09
N ILE A 92 2.25 -39.09 -3.94
CA ILE A 92 1.11 -39.94 -3.60
C ILE A 92 1.40 -41.35 -4.07
N SER A 93 1.49 -42.31 -3.13
CA SER A 93 1.84 -43.71 -3.45
C SER A 93 0.58 -44.60 -3.51
N GLU A 94 -0.55 -44.14 -2.96
CA GLU A 94 -1.80 -44.89 -2.89
C GLU A 94 -2.90 -43.96 -3.38
N SER A 95 -3.55 -44.33 -4.51
CA SER A 95 -4.62 -43.53 -5.10
C SER A 95 -5.81 -43.32 -4.15
N SER A 96 -6.42 -42.14 -4.20
CA SER A 96 -7.77 -41.94 -3.69
C SER A 96 -8.70 -42.90 -4.43
N PRO A 97 -9.91 -43.19 -3.93
CA PRO A 97 -10.79 -44.14 -4.61
C PRO A 97 -11.13 -43.77 -6.08
N GLN A 98 -11.23 -44.82 -6.89
CA GLN A 98 -11.44 -44.80 -8.32
C GLN A 98 -12.81 -45.42 -8.60
N ARG A 99 -13.76 -44.56 -8.93
CA ARG A 99 -15.11 -44.95 -9.26
C ARG A 99 -15.72 -43.96 -10.24
N GLY A 100 -16.53 -44.49 -11.16
CA GLY A 100 -17.34 -43.65 -12.04
C GLY A 100 -16.51 -42.97 -13.12
N THR A 101 -16.90 -41.74 -13.46
CA THR A 101 -16.28 -41.03 -14.57
C THR A 101 -15.43 -39.85 -14.13
N VAL A 102 -15.36 -39.63 -12.81
CA VAL A 102 -14.56 -38.53 -12.28
C VAL A 102 -13.48 -39.18 -11.43
N LEU A 103 -12.28 -39.29 -12.00
CA LEU A 103 -11.29 -40.20 -11.47
C LEU A 103 -10.05 -39.42 -11.03
N PRO A 104 -9.28 -39.94 -10.08
CA PRO A 104 -7.97 -39.36 -9.76
C PRO A 104 -6.96 -39.68 -10.84
N GLU A 105 -5.85 -38.93 -10.86
CA GLU A 105 -4.90 -39.00 -11.95
C GLU A 105 -3.77 -40.03 -11.79
N GLY A 106 -3.73 -40.74 -10.66
CA GLY A 106 -2.85 -41.85 -10.41
C GLY A 106 -1.68 -41.49 -9.50
N PRO A 107 -1.05 -42.51 -8.89
CA PRO A 107 0.14 -42.29 -8.07
C PRO A 107 1.17 -41.48 -8.83
N GLY A 108 1.92 -40.68 -8.07
CA GLY A 108 2.90 -39.78 -8.62
C GLY A 108 3.07 -38.50 -7.81
N TRP A 109 3.87 -37.60 -8.39
CA TRP A 109 4.18 -36.31 -7.76
C TRP A 109 3.14 -35.23 -8.12
N TYR A 110 2.61 -34.56 -7.09
CA TYR A 110 1.56 -33.57 -7.25
C TYR A 110 2.02 -32.29 -6.57
N PRO A 111 1.94 -31.13 -7.25
CA PRO A 111 2.27 -29.87 -6.60
C PRO A 111 1.09 -29.45 -5.74
N ASP A 112 1.35 -29.04 -4.51
CA ASP A 112 0.25 -28.67 -3.64
C ASP A 112 0.63 -27.69 -2.53
N ALA A 113 1.70 -27.96 -1.76
CA ALA A 113 2.08 -27.02 -0.72
C ALA A 113 2.81 -25.84 -1.34
N LEU A 114 2.63 -24.67 -0.75
CA LEU A 114 3.25 -23.46 -1.28
C LEU A 114 4.30 -22.92 -0.31
N ILE A 115 5.56 -22.84 -0.76
CA ILE A 115 6.70 -22.37 0.02
C ILE A 115 6.80 -20.85 -0.17
N PRO A 116 6.55 -20.06 0.87
CA PRO A 116 6.47 -18.60 0.74
C PRO A 116 7.84 -17.97 0.61
N PHE A 117 7.93 -17.01 -0.31
CA PHE A 117 9.09 -16.13 -0.37
C PHE A 117 9.18 -15.22 0.85
N ILE A 118 8.05 -14.92 1.52
CA ILE A 118 7.93 -13.91 2.56
C ILE A 118 7.21 -14.55 3.74
N ASP A 119 7.72 -14.33 4.94
CA ASP A 119 6.99 -14.66 6.17
C ASP A 119 5.99 -13.54 6.48
N PRO A 120 4.66 -13.80 6.48
CA PRO A 120 3.67 -12.75 6.74
C PRO A 120 3.84 -12.08 8.10
N ALA A 121 4.42 -12.79 9.07
CA ALA A 121 4.73 -12.21 10.38
C ALA A 121 5.74 -11.05 10.31
N THR A 122 6.72 -11.10 9.41
CA THR A 122 7.81 -10.13 9.39
C THR A 122 7.78 -9.26 8.13
N ASN A 123 7.08 -9.73 7.08
CA ASN A 123 7.14 -9.11 5.76
C ASN A 123 8.55 -9.19 5.19
N GLU A 124 9.33 -10.19 5.62
CA GLU A 124 10.64 -10.41 5.09
C GLU A 124 10.83 -11.89 4.85
N PRO A 125 11.83 -12.29 4.05
CA PRO A 125 12.06 -13.70 3.78
C PRO A 125 12.27 -14.48 5.07
N PRO A 126 11.79 -15.73 5.13
CA PRO A 126 12.15 -16.61 6.23
C PRO A 126 13.65 -16.88 6.21
N SER A 127 14.12 -17.38 7.37
CA SER A 127 15.48 -17.82 7.53
C SER A 127 15.50 -19.14 8.31
N GLY A 128 16.34 -20.10 7.89
CA GLY A 128 16.62 -21.31 8.65
C GLY A 128 15.66 -22.47 8.37
N GLY A 129 14.79 -22.34 7.36
CA GLY A 129 13.86 -23.41 7.04
C GLY A 129 14.57 -24.59 6.38
N GLU A 130 14.01 -25.79 6.56
CA GLU A 130 14.44 -26.99 5.87
C GLU A 130 14.18 -26.83 4.37
N LEU A 131 13.07 -26.14 4.04
CA LEU A 131 12.70 -25.86 2.66
C LEU A 131 12.68 -24.35 2.46
N ILE A 132 13.38 -23.89 1.40
CA ILE A 132 13.51 -22.48 1.12
C ILE A 132 13.02 -22.20 -0.30
N ALA A 133 12.28 -21.12 -0.50
CA ALA A 133 11.71 -20.82 -1.82
C ALA A 133 12.79 -20.49 -2.85
N VAL A 134 13.63 -19.50 -2.55
CA VAL A 134 14.69 -19.05 -3.43
C VAL A 134 15.96 -18.79 -2.60
N PRO A 135 17.17 -18.98 -3.17
CA PRO A 135 17.32 -19.60 -4.48
C PRO A 135 17.03 -21.09 -4.43
N PHE A 136 16.85 -21.70 -5.62
CA PHE A 136 16.57 -23.11 -5.71
C PHE A 136 17.29 -23.75 -6.89
N ALA A 137 17.44 -25.06 -6.81
CA ALA A 137 18.15 -25.78 -7.85
C ALA A 137 17.12 -26.32 -8.82
N LEU A 138 17.43 -26.18 -10.12
CA LEU A 138 16.63 -26.74 -11.18
C LEU A 138 17.40 -27.92 -11.79
N GLU A 139 16.92 -29.12 -11.53
CA GLU A 139 17.65 -30.33 -11.90
C GLU A 139 17.03 -30.97 -13.12
N ASN A 140 17.80 -31.89 -13.72
CA ASN A 140 17.53 -32.36 -15.06
C ASN A 140 16.13 -32.94 -15.13
N ASN A 141 15.36 -32.26 -16.01
CA ASN A 141 14.05 -32.59 -16.52
C ASN A 141 12.94 -32.36 -15.51
N SER A 142 13.19 -32.40 -14.18
CA SER A 142 12.14 -32.19 -13.18
C SER A 142 11.81 -30.70 -13.09
N ASN A 143 10.57 -30.34 -13.45
CA ASN A 143 10.16 -28.94 -13.53
C ASN A 143 10.09 -28.33 -12.13
N GLN A 144 10.34 -27.01 -12.04
CA GLN A 144 10.05 -26.22 -10.85
C GLN A 144 8.98 -25.21 -11.24
N VAL A 145 8.11 -24.82 -10.31
CA VAL A 145 7.00 -23.93 -10.60
C VAL A 145 6.85 -22.86 -9.51
N ILE A 146 6.77 -21.57 -9.96
CA ILE A 146 6.47 -20.44 -9.10
C ILE A 146 5.00 -20.07 -9.24
N TRP A 147 4.35 -19.90 -8.09
CA TRP A 147 2.97 -19.45 -8.01
C TRP A 147 2.98 -17.96 -7.69
N VAL A 148 2.30 -17.18 -8.54
CA VAL A 148 2.22 -15.72 -8.37
C VAL A 148 0.76 -15.28 -8.12
N ASP A 149 0.46 -14.71 -6.94
CA ASP A 149 -0.81 -14.05 -6.65
C ASP A 149 -0.70 -12.54 -6.88
N ILE A 150 -1.71 -11.97 -7.54
CA ILE A 150 -1.82 -10.53 -7.70
C ILE A 150 -3.14 -10.12 -7.03
N GLN A 151 -3.05 -9.30 -5.99
CA GLN A 151 -4.26 -8.75 -5.39
C GLN A 151 -4.47 -7.32 -5.89
N VAL A 152 -5.59 -7.09 -6.55
CA VAL A 152 -5.84 -5.77 -7.14
C VAL A 152 -6.30 -4.83 -6.02
N PRO A 153 -5.62 -3.68 -5.80
CA PRO A 153 -6.03 -2.73 -4.74
C PRO A 153 -7.48 -2.29 -4.90
N ARG A 154 -8.13 -2.06 -3.76
CA ARG A 154 -9.55 -1.72 -3.76
C ARG A 154 -9.89 -0.44 -4.50
N ASP A 155 -8.89 0.43 -4.63
CA ASP A 155 -8.95 1.77 -5.19
C ASP A 155 -8.38 1.83 -6.61
N ALA A 156 -7.95 0.70 -7.17
CA ALA A 156 -7.14 0.78 -8.38
C ALA A 156 -7.92 1.38 -9.53
N GLU A 157 -7.24 2.20 -10.33
CA GLU A 157 -7.85 2.81 -11.49
C GLU A 157 -8.09 1.75 -12.56
N ALA A 158 -9.27 1.74 -13.16
CA ALA A 158 -9.58 0.81 -14.23
C ALA A 158 -8.69 1.07 -15.45
N GLY A 159 -8.29 -0.01 -16.13
CA GLY A 159 -7.46 0.10 -17.32
C GLY A 159 -6.39 -0.99 -17.38
N HIS A 160 -5.43 -0.77 -18.28
CA HIS A 160 -4.40 -1.76 -18.61
C HIS A 160 -3.09 -1.43 -17.87
N TYR A 161 -2.48 -2.47 -17.29
CA TYR A 161 -1.20 -2.38 -16.59
C TYR A 161 -0.24 -3.44 -17.12
N SER A 162 1.05 -3.11 -17.08
CA SER A 162 2.02 -4.11 -17.46
C SER A 162 3.22 -4.11 -16.52
N GLY A 163 3.80 -5.31 -16.36
CA GLY A 163 5.03 -5.49 -15.60
C GLY A 163 5.71 -6.76 -16.05
N SER A 164 6.69 -7.21 -15.28
CA SER A 164 7.60 -8.27 -15.72
C SER A 164 7.87 -9.18 -14.54
N TYR A 165 8.26 -10.43 -14.85
CA TYR A 165 8.94 -11.30 -13.90
C TYR A 165 10.30 -11.65 -14.55
N ILE A 166 11.30 -11.89 -13.72
CA ILE A 166 12.66 -12.20 -14.16
C ILE A 166 13.10 -13.45 -13.42
N VAL A 167 13.46 -14.47 -14.22
CA VAL A 167 14.08 -15.70 -13.75
C VAL A 167 15.54 -15.62 -14.11
N SER A 168 16.40 -15.91 -13.14
CA SER A 168 17.81 -15.82 -13.44
C SER A 168 18.58 -16.91 -12.70
N SER A 169 19.68 -17.35 -13.33
CA SER A 169 20.58 -18.28 -12.68
C SER A 169 22.03 -17.93 -13.05
N GLU A 170 22.94 -18.83 -12.68
CA GLU A 170 24.34 -18.65 -13.09
C GLU A 170 24.50 -18.72 -14.60
N HIS A 171 23.58 -19.29 -15.35
CA HIS A 171 23.86 -19.27 -16.79
C HIS A 171 22.59 -18.99 -17.56
N GLY A 172 21.89 -17.94 -17.15
CA GLY A 172 20.55 -17.79 -17.70
C GLY A 172 19.79 -16.61 -17.11
N GLU A 173 19.05 -15.91 -17.97
CA GLU A 173 18.23 -14.82 -17.49
C GLU A 173 17.10 -14.66 -18.48
N VAL A 174 15.85 -14.75 -18.00
CA VAL A 174 14.71 -14.79 -18.91
C VAL A 174 13.64 -13.90 -18.29
N THR A 175 13.04 -13.03 -19.10
CA THR A 175 12.09 -12.03 -18.61
C THR A 175 10.76 -12.20 -19.32
N GLY A 176 9.67 -12.39 -18.55
CA GLY A 176 8.32 -12.51 -19.09
C GLY A 176 7.42 -11.32 -18.74
N GLN A 177 6.38 -11.09 -19.55
CA GLN A 177 5.49 -9.96 -19.36
C GLN A 177 4.26 -10.41 -18.56
N ILE A 178 3.91 -9.57 -17.59
CA ILE A 178 2.62 -9.60 -16.91
C ILE A 178 1.72 -8.49 -17.45
N SER A 179 0.60 -8.88 -18.08
CA SER A 179 -0.39 -7.92 -18.56
C SER A 179 -1.66 -8.11 -17.71
N LEU A 180 -2.17 -7.01 -17.16
CA LEU A 180 -3.34 -7.04 -16.28
C LEU A 180 -4.30 -5.91 -16.69
N THR A 181 -5.54 -6.31 -16.93
CA THR A 181 -6.64 -5.38 -17.14
C THR A 181 -7.47 -5.35 -15.87
N VAL A 182 -7.65 -4.15 -15.31
CA VAL A 182 -8.46 -3.91 -14.13
C VAL A 182 -9.79 -3.35 -14.61
N TRP A 183 -10.85 -4.09 -14.29
CA TRP A 183 -12.22 -3.75 -14.64
C TRP A 183 -12.77 -2.72 -13.65
N ASN A 184 -13.80 -1.98 -14.10
CA ASN A 184 -14.34 -0.86 -13.33
C ASN A 184 -15.44 -1.33 -12.37
N PHE A 185 -15.13 -2.30 -11.51
CA PHE A 185 -16.03 -2.73 -10.45
C PHE A 185 -15.16 -3.30 -9.33
N GLU A 186 -15.82 -3.53 -8.19
CA GLU A 186 -15.12 -4.07 -7.03
C GLU A 186 -15.87 -5.26 -6.46
N LEU A 187 -15.09 -6.20 -5.89
CA LEU A 187 -15.65 -7.29 -5.11
C LEU A 187 -15.71 -6.81 -3.66
N PRO A 188 -16.84 -6.96 -2.96
CA PRO A 188 -16.91 -6.49 -1.59
C PRO A 188 -15.90 -7.20 -0.70
N LEU A 189 -15.37 -6.45 0.29
CA LEU A 189 -14.53 -7.08 1.30
C LEU A 189 -15.28 -8.25 1.97
N LYS A 190 -16.55 -8.05 2.37
CA LYS A 190 -17.37 -9.12 2.91
C LYS A 190 -17.84 -10.04 1.78
N PRO A 191 -17.41 -11.32 1.76
CA PRO A 191 -17.83 -12.24 0.69
C PRO A 191 -19.33 -12.47 0.79
N SER A 192 -19.99 -12.54 -0.38
CA SER A 192 -21.38 -12.89 -0.38
C SER A 192 -21.59 -14.33 0.02
N LEU A 193 -20.69 -15.25 -0.39
CA LEU A 193 -20.78 -16.64 0.00
C LEU A 193 -20.42 -16.80 1.47
N LYS A 194 -21.31 -17.38 2.27
CA LYS A 194 -20.98 -17.72 3.63
C LYS A 194 -20.30 -19.08 3.66
N SER A 195 -19.55 -19.33 4.74
CA SER A 195 -18.85 -20.60 4.87
C SER A 195 -18.61 -20.93 6.34
N THR A 196 -18.35 -22.23 6.55
CA THR A 196 -17.90 -22.79 7.82
C THR A 196 -16.82 -23.83 7.54
N PHE A 197 -15.54 -23.48 7.81
CA PHE A 197 -14.39 -24.37 7.70
C PHE A 197 -13.82 -24.54 9.10
N LEU A 198 -13.72 -25.81 9.54
CA LEU A 198 -13.39 -26.09 10.95
C LEU A 198 -11.89 -26.28 11.17
N ILE A 199 -11.42 -25.69 12.27
CA ILE A 199 -10.04 -25.85 12.75
C ILE A 199 -10.07 -26.70 14.02
N TRP A 200 -9.33 -27.80 14.08
CA TRP A 200 -9.43 -28.75 15.18
C TRP A 200 -8.21 -28.69 16.09
N SER A 201 -7.11 -28.12 15.61
CA SER A 201 -5.85 -28.33 16.32
C SER A 201 -5.01 -27.06 16.39
N SER A 202 -4.79 -26.38 15.25
CA SER A 202 -3.97 -25.19 15.22
C SER A 202 -4.76 -23.97 15.68
N ARG A 203 -4.60 -23.57 16.96
CA ARG A 203 -5.42 -22.52 17.57
C ARG A 203 -4.83 -21.11 17.40
N LYS A 204 -3.79 -20.96 16.59
CA LYS A 204 -3.16 -19.67 16.43
C LYS A 204 -4.04 -18.71 15.67
N LYS A 205 -3.90 -17.41 15.95
CA LYS A 205 -4.64 -16.38 15.24
C LYS A 205 -4.21 -16.33 13.77
N SER A 206 -2.95 -16.66 13.49
CA SER A 206 -2.44 -16.72 12.11
C SER A 206 -3.13 -17.80 11.26
N THR A 207 -3.66 -18.87 11.87
CA THR A 207 -4.39 -19.92 11.16
C THR A 207 -5.73 -19.40 10.63
N VAL A 208 -6.48 -18.74 11.52
CA VAL A 208 -7.72 -18.09 11.17
C VAL A 208 -7.43 -17.04 10.10
N GLU A 209 -6.36 -16.28 10.26
CA GLU A 209 -6.11 -15.18 9.34
C GLU A 209 -5.75 -15.74 7.96
N GLU A 210 -5.04 -16.86 7.89
CA GLU A 210 -4.70 -17.44 6.58
C GLU A 210 -5.98 -17.81 5.86
N LEU A 211 -6.95 -18.38 6.58
CA LEU A 211 -8.22 -18.76 5.95
C LEU A 211 -9.00 -17.50 5.55
N LEU A 212 -9.11 -16.49 6.43
CA LEU A 212 -9.83 -15.26 6.12
C LEU A 212 -9.21 -14.56 4.91
N LYS A 213 -7.88 -14.58 4.76
CA LYS A 213 -7.26 -13.96 3.60
C LYS A 213 -7.67 -14.64 2.30
N HIS A 214 -8.11 -15.89 2.38
CA HIS A 214 -8.62 -16.64 1.24
C HIS A 214 -10.15 -16.63 1.14
N LYS A 215 -10.81 -15.79 1.93
CA LYS A 215 -12.24 -15.49 1.88
C LYS A 215 -13.09 -16.57 2.54
N LEU A 216 -12.48 -17.40 3.40
CA LEU A 216 -13.15 -18.50 4.08
C LEU A 216 -13.33 -18.18 5.56
N MET A 217 -14.52 -18.46 6.08
CA MET A 217 -14.85 -18.22 7.48
C MET A 217 -14.60 -19.52 8.24
N CYS A 218 -14.08 -19.41 9.45
CA CYS A 218 -13.69 -20.59 10.21
C CYS A 218 -14.33 -20.56 11.59
N GLN A 219 -14.41 -21.75 12.16
CA GLN A 219 -14.82 -21.92 13.55
C GLN A 219 -13.86 -22.92 14.17
N GLN A 220 -13.57 -22.75 15.46
CA GLN A 220 -12.78 -23.72 16.20
C GLN A 220 -13.69 -24.90 16.53
N TRP A 221 -13.12 -26.10 16.44
CA TRP A 221 -13.85 -27.32 16.75
C TRP A 221 -13.05 -28.18 17.72
N ASN A 222 -13.75 -29.15 18.31
CA ASN A 222 -13.14 -30.08 19.24
C ASN A 222 -12.51 -29.30 20.39
N LEU A 223 -13.15 -28.23 20.85
CA LEU A 223 -12.56 -27.41 21.91
C LEU A 223 -12.71 -28.08 23.28
N SER A 224 -11.71 -27.86 24.15
CA SER A 224 -11.73 -28.34 25.53
C SER A 224 -12.94 -27.74 26.26
N GLU A 225 -13.35 -28.38 27.36
CA GLU A 225 -14.40 -27.80 28.19
C GLU A 225 -13.93 -26.43 28.69
N GLU A 226 -12.62 -26.32 28.96
CA GLU A 226 -12.05 -25.09 29.47
C GLU A 226 -12.13 -23.96 28.45
N GLU A 227 -11.76 -24.21 27.19
CA GLU A 227 -11.68 -23.14 26.18
C GLU A 227 -13.04 -22.95 25.50
N LYS A 228 -13.96 -23.92 25.66
CA LYS A 228 -15.33 -23.69 25.22
C LYS A 228 -15.87 -22.41 25.86
N GLY A 229 -16.45 -21.53 25.05
CA GLY A 229 -17.12 -20.35 25.59
C GLY A 229 -16.17 -19.18 25.88
N ALA A 230 -14.91 -19.25 25.42
CA ALA A 230 -14.04 -18.09 25.48
C ALA A 230 -14.65 -17.00 24.61
N ALA A 231 -14.32 -15.73 24.90
CA ALA A 231 -14.98 -14.59 24.27
C ALA A 231 -14.35 -14.32 22.90
N PRO A 232 -15.16 -14.05 21.84
CA PRO A 232 -14.66 -13.92 20.47
C PRO A 232 -13.96 -12.58 20.29
N THR A 233 -12.85 -12.47 21.03
CA THR A 233 -12.12 -11.24 21.28
C THR A 233 -11.76 -10.53 19.97
N SER A 234 -11.33 -11.30 18.94
CA SER A 234 -10.78 -10.73 17.72
C SER A 234 -11.83 -10.46 16.63
N GLU A 235 -13.08 -10.87 16.82
CA GLU A 235 -14.05 -10.83 15.73
C GLU A 235 -14.29 -9.43 15.18
N GLY A 236 -14.40 -8.39 16.02
CA GLY A 236 -14.57 -7.05 15.49
C GLY A 236 -13.42 -6.60 14.57
N GLU A 237 -12.17 -6.87 14.98
CA GLU A 237 -10.99 -6.65 14.16
C GLU A 237 -11.07 -7.40 12.82
N TRP A 238 -11.49 -8.66 12.84
CA TRP A 238 -11.54 -9.46 11.62
C TRP A 238 -12.68 -9.04 10.71
N ILE A 239 -13.80 -8.54 11.26
CA ILE A 239 -14.85 -7.97 10.43
C ILE A 239 -14.25 -6.80 9.64
N GLU A 240 -13.53 -5.91 10.34
CA GLU A 240 -13.00 -4.73 9.70
C GLU A 240 -11.95 -5.07 8.65
N LYS A 241 -11.04 -5.98 8.98
CA LYS A 241 -9.90 -6.27 8.14
C LYS A 241 -10.25 -7.25 7.01
N TYR A 242 -11.13 -8.24 7.26
CA TYR A 242 -11.28 -9.37 6.34
C TYR A 242 -12.72 -9.62 5.91
N GLY A 243 -13.67 -8.78 6.36
CA GLY A 243 -15.06 -8.96 5.95
C GLY A 243 -15.72 -10.24 6.48
N VAL A 244 -15.45 -10.64 7.72
CA VAL A 244 -16.15 -11.77 8.31
C VAL A 244 -17.66 -11.58 8.16
N ASN A 245 -18.36 -12.61 7.64
CA ASN A 245 -19.75 -12.48 7.23
C ASN A 245 -20.72 -13.37 8.02
N CYS A 246 -20.20 -14.16 8.98
CA CYS A 246 -21.05 -14.97 9.85
C CYS A 246 -20.21 -15.50 11.02
N SER A 247 -20.90 -15.95 12.08
CA SER A 247 -20.23 -16.65 13.17
C SER A 247 -21.19 -17.64 13.84
N GLY A 248 -20.61 -18.77 14.27
CA GLY A 248 -21.33 -19.83 14.97
C GLY A 248 -21.31 -19.57 16.48
N LEU A 249 -22.35 -20.01 17.18
CA LEU A 249 -22.43 -19.77 18.61
C LEU A 249 -21.80 -20.92 19.39
N GLY A 250 -21.72 -22.12 18.80
CA GLY A 250 -21.05 -23.26 19.41
C GLY A 250 -21.85 -24.11 20.40
N PHE A 251 -23.19 -24.11 20.33
CA PHE A 251 -23.94 -25.11 21.06
C PHE A 251 -24.05 -26.41 20.28
N TRP A 252 -23.15 -27.34 20.59
CA TRP A 252 -23.12 -28.63 19.91
C TRP A 252 -24.02 -29.64 20.63
N SER A 253 -24.97 -30.28 19.92
CA SER A 253 -25.88 -31.23 20.55
C SER A 253 -25.21 -32.60 20.82
N LYS A 254 -24.06 -32.88 20.19
CA LYS A 254 -23.38 -34.18 20.17
C LYS A 254 -24.05 -35.23 19.28
N ALA A 255 -25.16 -34.92 18.60
CA ALA A 255 -25.76 -35.89 17.70
C ALA A 255 -24.99 -35.93 16.37
N ASP A 256 -24.60 -37.15 15.94
CA ASP A 256 -23.87 -37.34 14.69
C ASP A 256 -24.28 -38.66 14.02
N THR A 257 -23.53 -39.10 12.99
CA THR A 257 -23.95 -40.30 12.23
C THR A 257 -23.98 -41.51 13.15
N PHE A 258 -23.12 -41.50 14.19
CA PHE A 258 -22.93 -42.64 15.08
C PHE A 258 -23.74 -42.49 16.39
N ASN A 259 -24.34 -41.30 16.63
CA ASN A 259 -24.95 -40.95 17.92
C ASN A 259 -26.29 -40.26 17.66
N GLY A 260 -27.35 -41.07 17.57
CA GLY A 260 -28.67 -40.59 17.22
C GLY A 260 -29.48 -40.19 18.43
N VAL A 261 -28.91 -39.34 19.29
CA VAL A 261 -29.59 -38.88 20.48
C VAL A 261 -29.35 -37.38 20.61
N MET A 262 -30.42 -36.67 20.99
CA MET A 262 -30.30 -35.24 21.25
C MET A 262 -30.86 -34.87 22.62
N PRO A 263 -30.09 -34.11 23.41
CA PRO A 263 -30.60 -33.51 24.64
C PRO A 263 -31.51 -32.31 24.42
N PRO A 264 -32.19 -31.82 25.49
CA PRO A 264 -32.97 -30.59 25.43
C PRO A 264 -32.07 -29.43 25.04
N PRO A 265 -32.61 -28.39 24.38
CA PRO A 265 -31.80 -27.25 23.98
C PRO A 265 -31.32 -26.34 25.10
N PRO A 266 -30.27 -25.53 24.85
CA PRO A 266 -29.90 -24.48 25.79
C PRO A 266 -31.11 -23.55 25.88
N THR A 267 -31.24 -22.85 27.01
CA THR A 267 -32.34 -21.93 27.18
C THR A 267 -32.13 -20.72 26.27
N VAL A 268 -33.24 -20.02 25.99
CA VAL A 268 -33.24 -18.78 25.25
C VAL A 268 -32.25 -17.82 25.89
N GLU A 269 -32.26 -17.72 27.24
CA GLU A 269 -31.37 -16.81 27.94
C GLU A 269 -29.90 -17.15 27.70
N GLU A 270 -29.58 -18.45 27.67
CA GLU A 270 -28.21 -18.91 27.48
C GLU A 270 -27.77 -18.58 26.05
N ILE A 271 -28.67 -18.75 25.09
CA ILE A 271 -28.35 -18.50 23.67
C ILE A 271 -28.17 -17.00 23.48
N GLN A 272 -29.07 -16.18 24.04
CA GLN A 272 -28.92 -14.74 23.98
C GLN A 272 -27.60 -14.28 24.60
N ALA A 273 -27.15 -14.90 25.71
CA ALA A 273 -25.91 -14.49 26.33
C ALA A 273 -24.72 -14.75 25.42
N ALA A 274 -24.72 -15.93 24.76
CA ALA A 274 -23.70 -16.29 23.80
C ALA A 274 -23.70 -15.28 22.65
N ALA A 275 -24.89 -14.97 22.15
CA ALA A 275 -25.01 -14.07 20.99
C ALA A 275 -24.48 -12.69 21.35
N SER A 276 -24.69 -12.23 22.59
CA SER A 276 -24.33 -10.85 22.88
C SER A 276 -22.82 -10.67 23.05
N ALA A 277 -22.04 -11.74 23.10
CA ALA A 277 -20.59 -11.66 23.13
C ALA A 277 -20.02 -11.36 21.75
N HIS A 278 -20.79 -11.58 20.69
CA HIS A 278 -20.29 -11.30 19.35
C HIS A 278 -20.63 -9.88 18.91
N PRO A 279 -19.92 -9.31 17.90
CA PRO A 279 -20.28 -7.98 17.40
C PRO A 279 -21.72 -7.94 16.87
N SER A 280 -22.32 -6.75 16.95
CA SER A 280 -23.65 -6.56 16.40
C SER A 280 -23.58 -6.49 14.85
N ASN A 281 -24.71 -6.70 14.18
CA ASN A 281 -24.85 -6.58 12.73
C ASN A 281 -24.03 -7.68 12.05
N LEU A 282 -23.93 -8.84 12.72
CA LEU A 282 -23.23 -10.03 12.24
C LEU A 282 -24.21 -11.20 12.24
N PHE A 283 -24.34 -11.84 11.08
CA PHE A 283 -25.17 -13.02 10.95
C PHE A 283 -24.69 -14.16 11.84
N LEU A 284 -25.58 -14.65 12.73
CA LEU A 284 -25.27 -15.72 13.66
C LEU A 284 -26.04 -16.99 13.35
N TYR A 285 -25.32 -18.11 13.50
CA TYR A 285 -25.91 -19.42 13.29
C TYR A 285 -25.41 -20.31 14.41
N ASN A 286 -25.98 -21.53 14.48
CA ASN A 286 -25.52 -22.58 15.38
C ASN A 286 -25.50 -23.89 14.61
N TYR A 287 -24.31 -24.52 14.56
CA TYR A 287 -24.09 -25.83 13.99
C TYR A 287 -24.51 -26.87 15.03
N THR A 288 -25.77 -27.33 14.91
CA THR A 288 -26.43 -28.03 16.01
C THR A 288 -26.17 -29.54 16.04
N ALA A 289 -26.08 -30.18 14.85
CA ALA A 289 -25.95 -31.61 14.72
C ALA A 289 -25.41 -31.93 13.31
N ASP A 290 -24.84 -33.14 13.12
CA ASP A 290 -24.09 -33.54 11.92
C ASP A 290 -24.55 -34.90 11.38
N GLU A 291 -25.03 -34.93 10.13
CA GLU A 291 -25.28 -36.17 9.39
C GLU A 291 -26.18 -37.12 10.17
N ILE A 292 -27.30 -36.59 10.65
CA ILE A 292 -28.27 -37.34 11.45
C ILE A 292 -29.54 -37.60 10.65
N GLY A 293 -29.46 -37.54 9.30
CA GLY A 293 -30.66 -37.64 8.45
C GLY A 293 -31.41 -38.98 8.56
N HIS A 294 -30.73 -40.06 8.98
CA HIS A 294 -31.33 -41.39 9.14
C HIS A 294 -32.22 -41.49 10.40
N TYR A 295 -32.00 -40.63 11.39
CA TYR A 295 -32.66 -40.76 12.69
C TYR A 295 -33.93 -39.92 12.72
N THR A 296 -35.06 -40.47 12.25
CA THR A 296 -36.33 -39.76 12.25
C THR A 296 -36.84 -39.43 13.68
N SER A 297 -36.40 -40.14 14.72
CA SER A 297 -36.73 -39.83 16.13
C SER A 297 -36.34 -38.41 16.59
N LEU A 298 -35.38 -37.81 15.88
CA LEU A 298 -34.81 -36.56 16.32
C LEU A 298 -35.60 -35.34 15.82
N TYR A 299 -36.65 -35.55 15.02
CA TYR A 299 -37.36 -34.41 14.44
C TYR A 299 -37.91 -33.48 15.53
N GLU A 300 -38.60 -34.03 16.54
CA GLU A 300 -39.17 -33.19 17.60
C GLU A 300 -38.09 -32.41 18.36
N PRO A 301 -36.98 -33.04 18.82
CA PRO A 301 -35.85 -32.33 19.40
C PRO A 301 -35.23 -31.21 18.54
N ILE A 302 -35.07 -31.48 17.23
CA ILE A 302 -34.60 -30.44 16.32
C ILE A 302 -35.55 -29.24 16.35
N LYS A 303 -36.88 -29.44 16.32
CA LYS A 303 -37.82 -28.33 16.38
C LYS A 303 -37.73 -27.56 17.69
N ALA A 304 -37.45 -28.26 18.82
CA ALA A 304 -37.27 -27.62 20.11
C ALA A 304 -36.03 -26.72 20.11
N TRP A 305 -34.89 -27.24 19.58
CA TRP A 305 -33.70 -26.41 19.36
C TRP A 305 -34.01 -25.19 18.48
N ALA A 306 -34.72 -25.42 17.34
CA ALA A 306 -35.04 -24.35 16.41
C ALA A 306 -35.82 -23.24 17.13
N ARG A 307 -36.83 -23.62 17.90
CA ARG A 307 -37.69 -22.61 18.51
C ARG A 307 -36.87 -21.69 19.42
N ASN A 308 -35.96 -22.27 20.23
CA ASN A 308 -35.13 -21.51 21.16
C ASN A 308 -34.12 -20.64 20.41
N LEU A 309 -33.49 -21.19 19.36
CA LEU A 309 -32.57 -20.39 18.55
C LEU A 309 -33.31 -19.21 17.92
N HIS A 310 -34.51 -19.44 17.35
CA HIS A 310 -35.28 -18.44 16.61
C HIS A 310 -35.70 -17.30 17.53
N GLU A 311 -36.03 -17.63 18.78
CA GLU A 311 -36.42 -16.62 19.77
C GLU A 311 -35.24 -15.71 20.07
N ALA A 312 -34.03 -16.24 19.86
CA ALA A 312 -32.82 -15.47 20.09
C ALA A 312 -32.27 -14.84 18.79
N GLY A 313 -32.99 -15.00 17.66
CA GLY A 313 -32.58 -14.41 16.39
C GLY A 313 -31.39 -15.12 15.75
N VAL A 314 -31.23 -16.42 16.03
CA VAL A 314 -30.09 -17.22 15.56
C VAL A 314 -30.55 -18.32 14.60
N ALA A 315 -29.79 -18.54 13.51
CA ALA A 315 -30.13 -19.54 12.50
C ALA A 315 -29.65 -20.93 12.92
N ASN A 316 -30.47 -21.96 12.65
CA ASN A 316 -30.15 -23.35 12.90
C ASN A 316 -29.49 -23.97 11.66
N LEU A 317 -28.25 -24.47 11.81
CA LEU A 317 -27.48 -25.16 10.74
C LEU A 317 -27.28 -26.63 11.06
N ILE A 318 -27.75 -27.50 10.16
CA ILE A 318 -27.54 -28.94 10.26
C ILE A 318 -27.10 -29.47 8.90
N THR A 319 -26.21 -30.46 8.91
CA THR A 319 -25.79 -31.23 7.74
C THR A 319 -26.80 -32.35 7.57
N MET A 320 -27.93 -31.96 6.98
CA MET A 320 -28.97 -32.89 6.56
C MET A 320 -29.72 -32.28 5.37
N ALA A 321 -30.33 -33.16 4.58
CA ALA A 321 -31.14 -32.75 3.44
C ALA A 321 -32.54 -32.29 3.87
N PRO A 322 -33.10 -31.30 3.17
CA PRO A 322 -34.47 -30.84 3.43
C PRO A 322 -35.48 -31.99 3.48
N VAL A 323 -36.28 -31.99 4.54
CA VAL A 323 -37.35 -32.97 4.73
C VAL A 323 -38.58 -32.21 5.20
N PRO A 324 -39.77 -32.44 4.58
CA PRO A 324 -40.93 -31.58 4.82
C PRO A 324 -41.45 -31.66 6.26
N GLU A 325 -41.12 -32.73 6.97
CA GLU A 325 -41.43 -32.85 8.39
C GLU A 325 -40.75 -31.75 9.21
N LEU A 326 -39.69 -31.10 8.68
CA LEU A 326 -38.96 -30.06 9.41
C LEU A 326 -39.09 -28.69 8.71
N TYR A 327 -40.12 -28.54 7.86
CA TYR A 327 -40.41 -27.23 7.28
C TYR A 327 -41.20 -26.31 8.21
N ASP A 328 -41.60 -26.78 9.39
CA ASP A 328 -42.35 -25.98 10.35
C ASP A 328 -41.82 -26.26 11.77
N ASP A 329 -41.25 -25.25 12.43
CA ASP A 329 -40.58 -25.41 13.73
C ASP A 329 -41.59 -25.53 14.87
N GLY A 330 -42.89 -25.53 14.57
CA GLY A 330 -43.90 -25.76 15.60
C GLY A 330 -44.24 -24.51 16.43
N SER A 331 -43.64 -23.37 16.12
CA SER A 331 -43.87 -22.13 16.84
C SER A 331 -45.13 -21.43 16.36
N GLY A 332 -45.60 -21.71 15.14
CA GLY A 332 -46.71 -20.97 14.55
C GLY A 332 -46.28 -19.94 13.52
N SER A 333 -44.98 -19.61 13.44
CA SER A 333 -44.46 -18.63 12.49
C SER A 333 -44.44 -19.19 11.07
N GLY A 334 -44.32 -20.51 10.92
CA GLY A 334 -44.12 -21.15 9.63
C GLY A 334 -42.64 -21.29 9.27
N ARG A 335 -41.74 -20.79 10.12
CA ARG A 335 -40.30 -20.86 9.82
C ARG A 335 -39.83 -22.29 9.90
N SER A 336 -38.84 -22.67 9.05
CA SER A 336 -38.35 -24.03 9.04
C SER A 336 -37.64 -24.29 10.38
N ALA A 337 -37.50 -25.54 10.75
CA ALA A 337 -36.72 -25.95 11.91
C ALA A 337 -35.22 -25.92 11.58
N VAL A 338 -34.85 -26.01 10.29
CA VAL A 338 -33.46 -25.89 9.86
C VAL A 338 -33.41 -24.71 8.87
N ASP A 339 -32.58 -23.70 9.19
CA ASP A 339 -32.48 -22.50 8.37
C ASP A 339 -31.40 -22.62 7.30
N ILE A 340 -30.35 -23.37 7.62
CA ILE A 340 -29.24 -23.60 6.70
C ILE A 340 -29.08 -25.11 6.60
N TRP A 341 -29.59 -25.66 5.49
CA TRP A 341 -29.49 -27.05 5.19
C TRP A 341 -28.17 -27.29 4.43
N VAL A 342 -27.32 -28.15 4.93
CA VAL A 342 -26.00 -28.34 4.32
C VAL A 342 -25.93 -29.75 3.77
N ILE A 343 -25.72 -29.89 2.43
CA ILE A 343 -25.84 -31.18 1.76
C ILE A 343 -24.61 -31.52 0.90
N LEU A 344 -24.37 -32.83 0.78
CA LEU A 344 -23.45 -33.36 -0.20
C LEU A 344 -24.05 -33.24 -1.58
N PRO A 345 -23.19 -33.20 -2.63
CA PRO A 345 -23.72 -33.30 -4.00
C PRO A 345 -24.72 -34.46 -4.21
N LEU A 346 -24.40 -35.62 -3.65
CA LEU A 346 -25.20 -36.80 -3.91
C LEU A 346 -26.57 -36.69 -3.27
N GLN A 347 -26.75 -35.77 -2.31
CA GLN A 347 -28.03 -35.64 -1.62
C GLN A 347 -28.99 -34.66 -2.30
N TYR A 348 -28.52 -34.00 -3.36
CA TYR A 348 -29.29 -32.96 -4.02
C TYR A 348 -30.59 -33.50 -4.60
N ASP A 349 -31.71 -32.84 -4.23
CA ASP A 349 -33.04 -33.20 -4.69
C ASP A 349 -33.71 -31.91 -5.12
N LYS A 350 -33.82 -31.68 -6.44
CA LYS A 350 -34.22 -30.38 -6.96
C LYS A 350 -35.54 -29.92 -6.35
N ASP A 351 -36.51 -30.82 -6.26
CA ASP A 351 -37.83 -30.40 -5.82
C ASP A 351 -37.82 -29.92 -4.36
N ARG A 352 -37.15 -30.68 -3.46
CA ARG A 352 -37.08 -30.28 -2.05
C ARG A 352 -36.31 -28.96 -1.89
N ILE A 353 -35.22 -28.81 -2.66
CA ILE A 353 -34.43 -27.59 -2.59
C ILE A 353 -35.26 -26.42 -3.06
N GLN A 354 -36.08 -26.57 -4.10
CA GLN A 354 -36.91 -25.47 -4.57
C GLN A 354 -37.89 -25.08 -3.46
N GLU A 355 -38.42 -26.06 -2.71
CA GLU A 355 -39.42 -25.77 -1.68
C GLU A 355 -38.84 -24.89 -0.56
N VAL A 356 -37.61 -25.25 -0.11
CA VAL A 356 -37.02 -24.54 1.00
C VAL A 356 -36.45 -23.19 0.55
N LEU A 357 -35.91 -23.05 -0.66
CA LEU A 357 -35.50 -21.73 -1.12
C LEU A 357 -36.72 -20.82 -1.26
N ALA A 358 -37.87 -21.37 -1.68
CA ALA A 358 -39.06 -20.57 -1.87
C ALA A 358 -39.54 -19.98 -0.56
N LYS A 359 -39.34 -20.69 0.55
CA LYS A 359 -39.89 -20.24 1.83
C LYS A 359 -38.85 -19.46 2.65
N GLY A 360 -37.64 -19.31 2.13
CA GLY A 360 -36.69 -18.37 2.70
C GLY A 360 -35.48 -19.01 3.37
N ASP A 361 -35.29 -20.32 3.20
CA ASP A 361 -34.15 -20.98 3.84
C ASP A 361 -32.91 -20.86 2.93
N GLU A 362 -31.76 -21.24 3.50
CA GLU A 362 -30.53 -21.36 2.71
C GLU A 362 -30.19 -22.83 2.53
N VAL A 363 -29.54 -23.13 1.40
CA VAL A 363 -28.93 -24.43 1.23
C VAL A 363 -27.45 -24.21 0.91
N TRP A 364 -26.58 -24.97 1.58
CA TRP A 364 -25.14 -24.92 1.34
C TRP A 364 -24.64 -26.29 0.89
N SER A 365 -23.47 -26.30 0.23
CA SER A 365 -22.88 -27.58 -0.15
C SER A 365 -21.71 -27.87 0.78
N TYR A 366 -21.41 -29.16 0.94
CA TYR A 366 -20.18 -29.58 1.56
C TYR A 366 -19.70 -30.80 0.77
N ASN A 367 -18.44 -31.15 0.99
CA ASN A 367 -17.81 -32.23 0.27
C ASN A 367 -16.89 -33.01 1.23
N CYS A 368 -16.67 -34.28 0.92
CA CYS A 368 -15.63 -35.08 1.55
C CYS A 368 -15.61 -36.47 0.93
N CYS A 369 -14.45 -37.08 1.05
CA CYS A 369 -14.23 -38.45 0.59
C CYS A 369 -14.51 -38.58 -0.91
N VAL A 370 -14.97 -39.76 -1.36
CA VAL A 370 -15.25 -40.05 -2.78
C VAL A 370 -16.51 -40.91 -2.86
N GLN A 371 -17.66 -40.27 -2.80
CA GLN A 371 -18.88 -40.96 -2.39
C GLN A 371 -19.84 -41.26 -3.55
N ASP A 372 -19.46 -40.87 -4.77
CA ASP A 372 -20.34 -41.01 -5.92
C ASP A 372 -19.48 -41.03 -7.18
N ASP A 373 -20.10 -41.29 -8.32
CA ASP A 373 -19.38 -41.44 -9.57
C ASP A 373 -19.12 -40.13 -10.31
N TYR A 374 -19.79 -39.00 -9.96
CA TYR A 374 -19.95 -37.89 -10.92
C TYR A 374 -19.59 -36.51 -10.37
N SER A 375 -19.67 -36.31 -9.04
CA SER A 375 -19.55 -34.97 -8.45
C SER A 375 -18.09 -34.54 -8.41
N PRO A 376 -17.77 -33.24 -8.30
CA PRO A 376 -16.40 -32.80 -7.98
C PRO A 376 -15.95 -33.42 -6.67
N LYS A 377 -14.69 -33.86 -6.64
CA LYS A 377 -14.10 -34.51 -5.48
C LYS A 377 -12.92 -33.68 -4.98
N TRP A 378 -12.88 -33.54 -3.65
CA TRP A 378 -11.86 -32.76 -2.96
C TRP A 378 -10.73 -33.65 -2.40
N GLN A 379 -9.88 -34.14 -3.31
CA GLN A 379 -8.58 -34.70 -2.95
C GLN A 379 -7.52 -34.15 -3.89
N ILE A 380 -6.26 -34.25 -3.45
CA ILE A 380 -5.17 -33.68 -4.23
C ILE A 380 -5.05 -34.33 -5.62
N ASP A 381 -5.30 -35.64 -5.73
CA ASP A 381 -5.10 -36.35 -6.99
C ASP A 381 -6.24 -36.18 -8.01
N PHE A 382 -7.24 -35.36 -7.68
CA PHE A 382 -8.25 -35.02 -8.67
C PHE A 382 -7.87 -33.75 -9.42
N ASN A 383 -8.55 -33.52 -10.55
CA ASN A 383 -8.36 -32.30 -11.34
C ASN A 383 -8.47 -31.08 -10.44
N PRO A 384 -7.51 -30.10 -10.44
CA PRO A 384 -7.62 -28.94 -9.54
C PRO A 384 -8.89 -28.08 -9.65
N ILE A 385 -9.53 -28.11 -10.84
CA ILE A 385 -10.75 -27.36 -11.06
C ILE A 385 -11.84 -27.71 -10.04
N GLU A 386 -11.82 -28.92 -9.47
CA GLU A 386 -12.93 -29.37 -8.62
C GLU A 386 -13.08 -28.57 -7.33
N TYR A 387 -11.99 -27.96 -6.84
CA TYR A 387 -12.06 -27.09 -5.66
C TYR A 387 -12.65 -25.72 -6.01
N ARG A 388 -12.52 -25.24 -7.25
CA ARG A 388 -13.00 -23.93 -7.67
C ARG A 388 -14.46 -24.03 -8.08
N ILE A 389 -14.83 -25.12 -8.79
CA ILE A 389 -16.12 -25.11 -9.51
C ILE A 389 -17.30 -25.25 -8.55
N GLN A 390 -17.10 -25.92 -7.42
CA GLN A 390 -18.18 -26.14 -6.44
C GLN A 390 -18.65 -24.83 -5.77
N PRO A 391 -17.78 -24.01 -5.13
CA PRO A 391 -18.28 -22.83 -4.40
C PRO A 391 -18.88 -21.74 -5.28
N GLY A 392 -18.46 -21.67 -6.55
CA GLY A 392 -18.93 -20.61 -7.41
C GLY A 392 -20.02 -21.05 -8.37
N PHE A 393 -19.61 -21.50 -9.55
CA PHE A 393 -20.55 -21.74 -10.63
C PHE A 393 -21.62 -22.78 -10.25
N ILE A 394 -21.24 -23.95 -9.69
CA ILE A 394 -22.29 -24.95 -9.43
C ILE A 394 -23.22 -24.46 -8.31
N ASN A 395 -22.66 -23.95 -7.21
CA ASN A 395 -23.47 -23.39 -6.13
C ASN A 395 -24.45 -22.38 -6.72
N GLN A 396 -23.99 -21.46 -7.61
CA GLN A 396 -24.90 -20.44 -8.09
C GLN A 396 -25.97 -21.06 -9.01
N SER A 397 -25.57 -22.00 -9.87
CA SER A 397 -26.52 -22.67 -10.76
C SER A 397 -27.70 -23.29 -10.02
N LEU A 398 -27.43 -23.79 -8.82
CA LEU A 398 -28.41 -24.54 -8.02
C LEU A 398 -29.03 -23.71 -6.89
N GLY A 399 -28.66 -22.42 -6.74
CA GLY A 399 -29.21 -21.54 -5.74
C GLY A 399 -28.70 -21.74 -4.31
N MET A 400 -27.49 -22.33 -4.21
CA MET A 400 -26.83 -22.56 -2.95
C MET A 400 -25.95 -21.35 -2.61
N THR A 401 -25.88 -21.04 -1.30
CA THR A 401 -25.42 -19.75 -0.82
C THR A 401 -24.28 -19.87 0.22
N GLY A 402 -23.72 -21.06 0.36
CA GLY A 402 -22.59 -21.23 1.26
C GLY A 402 -21.89 -22.57 1.05
N ILE A 403 -20.80 -22.77 1.81
CA ILE A 403 -20.06 -24.01 1.73
CA ILE A 403 -20.00 -23.98 1.72
C ILE A 403 -19.50 -24.33 3.11
N LEU A 404 -19.42 -25.62 3.42
CA LEU A 404 -18.88 -26.11 4.70
C LEU A 404 -17.79 -27.12 4.38
N TYR A 405 -16.77 -27.21 5.25
CA TYR A 405 -15.76 -28.27 5.15
C TYR A 405 -15.35 -28.67 6.57
N TRP A 406 -15.27 -29.99 6.78
CA TRP A 406 -15.21 -30.51 8.15
C TRP A 406 -13.89 -30.23 8.88
N ARG A 407 -12.78 -30.05 8.18
CA ARG A 407 -11.49 -29.80 8.85
C ARG A 407 -10.49 -29.24 7.84
N VAL A 408 -9.58 -28.38 8.29
CA VAL A 408 -8.56 -27.81 7.42
C VAL A 408 -7.14 -28.23 7.85
N ASP A 409 -6.96 -28.78 9.06
CA ASP A 409 -5.63 -29.03 9.61
C ASP A 409 -5.41 -30.51 9.99
N PHE A 410 -5.86 -31.48 9.16
CA PHE A 410 -5.76 -32.89 9.51
C PHE A 410 -4.41 -33.46 9.08
N TRP A 411 -3.34 -33.01 9.72
CA TRP A 411 -1.98 -33.34 9.34
C TRP A 411 -1.57 -34.73 9.77
N THR A 412 -0.83 -35.41 8.89
CA THR A 412 -0.09 -36.61 9.24
C THR A 412 1.12 -36.22 10.09
N GLU A 413 1.86 -37.22 10.55
CA GLU A 413 3.06 -36.95 11.32
C GLU A 413 4.21 -36.44 10.47
N ASP A 414 4.08 -36.48 9.13
CA ASP A 414 5.11 -35.97 8.24
C ASP A 414 4.41 -35.12 7.17
N PRO A 415 3.83 -33.97 7.57
CA PRO A 415 2.82 -33.33 6.74
C PRO A 415 3.32 -32.73 5.43
N TRP A 416 4.63 -32.43 5.31
CA TRP A 416 5.13 -31.97 4.01
C TRP A 416 5.47 -33.12 3.07
N HIS A 417 5.48 -34.38 3.53
CA HIS A 417 5.87 -35.46 2.64
C HIS A 417 4.82 -36.57 2.48
N ASP A 418 3.90 -36.63 3.43
CA ASP A 418 2.84 -37.62 3.47
C ASP A 418 1.49 -36.90 3.60
N VAL A 419 0.71 -36.94 2.51
CA VAL A 419 -0.60 -36.31 2.49
C VAL A 419 -1.72 -37.35 2.48
N LEU A 420 -1.42 -38.62 2.79
CA LEU A 420 -2.50 -39.59 2.92
C LEU A 420 -3.06 -39.45 4.33
N THR A 421 -4.11 -38.58 4.45
CA THR A 421 -4.55 -38.11 5.75
C THR A 421 -5.64 -38.99 6.37
N LEU A 422 -6.29 -39.84 5.58
CA LEU A 422 -7.34 -40.70 6.08
C LEU A 422 -7.28 -42.04 5.37
N ARG A 423 -7.34 -43.10 6.19
CA ARG A 423 -7.40 -44.48 5.74
C ARG A 423 -8.64 -45.10 6.41
N ALA A 424 -9.56 -45.64 5.60
CA ALA A 424 -10.83 -46.14 6.09
C ALA A 424 -11.49 -47.07 5.07
N ASP A 425 -12.03 -48.20 5.57
CA ASP A 425 -12.79 -49.15 4.76
C ASP A 425 -12.06 -49.54 3.46
N GLY A 426 -10.75 -49.81 3.56
CA GLY A 426 -9.95 -50.23 2.42
C GLY A 426 -9.68 -49.10 1.42
N MET A 427 -10.01 -47.86 1.82
CA MET A 427 -9.81 -46.69 0.97
C MET A 427 -8.79 -45.76 1.65
N GLU A 428 -8.07 -45.02 0.79
CA GLU A 428 -7.09 -44.03 1.20
C GLU A 428 -7.46 -42.69 0.55
N PHE A 429 -7.29 -41.59 1.27
CA PHE A 429 -7.68 -40.25 0.85
C PHE A 429 -6.48 -39.31 1.00
N ASN A 430 -6.14 -38.61 -0.10
CA ASN A 430 -4.99 -37.73 -0.20
C ASN A 430 -5.44 -36.27 -0.08
N GLY A 431 -5.30 -35.69 1.12
CA GLY A 431 -5.61 -34.29 1.38
C GLY A 431 -6.93 -34.09 2.10
N GLU A 432 -7.65 -35.18 2.39
CA GLU A 432 -8.91 -35.08 3.10
C GLU A 432 -8.70 -34.29 4.39
N GLY A 433 -9.49 -33.23 4.62
CA GLY A 433 -9.43 -32.42 5.83
C GLY A 433 -8.15 -31.59 5.99
N MET A 434 -7.40 -31.34 4.91
CA MET A 434 -6.09 -30.68 5.00
C MET A 434 -5.97 -29.69 3.83
N LEU A 435 -6.07 -28.39 4.11
CA LEU A 435 -6.00 -27.35 3.09
C LEU A 435 -4.84 -26.36 3.33
N VAL A 436 -4.21 -26.46 4.51
CA VAL A 436 -3.04 -25.66 4.88
C VAL A 436 -1.96 -26.59 5.44
N TYR A 437 -0.69 -26.15 5.41
CA TYR A 437 0.45 -26.91 5.87
C TYR A 437 1.13 -26.16 7.00
N PRO A 438 1.75 -26.88 7.97
CA PRO A 438 2.44 -26.16 9.03
C PRO A 438 3.66 -25.40 8.53
N GLY A 439 3.96 -24.27 9.18
CA GLY A 439 5.05 -23.41 8.76
C GLY A 439 6.43 -23.87 9.18
N GLU A 440 6.53 -24.76 10.18
CA GLU A 440 7.83 -25.13 10.75
C GLU A 440 8.83 -25.48 9.66
N GLN A 441 8.38 -26.31 8.72
CA GLN A 441 9.24 -26.80 7.64
C GLN A 441 9.81 -25.68 6.77
N VAL A 442 9.19 -24.50 6.71
CA VAL A 442 9.70 -23.41 5.86
C VAL A 442 10.20 -22.27 6.75
N GLY A 443 10.40 -22.55 8.03
CA GLY A 443 11.01 -21.58 8.95
C GLY A 443 10.09 -20.51 9.51
N ILE A 444 8.77 -20.69 9.46
CA ILE A 444 7.87 -19.67 9.98
C ILE A 444 6.91 -20.27 11.02
N ASP A 445 6.27 -19.37 11.77
CA ASP A 445 5.43 -19.78 12.89
C ASP A 445 4.06 -20.25 12.35
N GLY A 446 3.48 -19.58 11.38
CA GLY A 446 2.09 -19.84 11.02
C GLY A 446 1.98 -20.77 9.83
N VAL A 447 0.75 -21.20 9.52
CA VAL A 447 0.53 -22.11 8.40
C VAL A 447 0.76 -21.38 7.08
N VAL A 448 0.96 -22.18 6.03
CA VAL A 448 1.05 -21.74 4.65
C VAL A 448 -0.09 -22.38 3.87
N PRO A 449 -0.48 -21.76 2.75
CA PRO A 449 -1.63 -22.23 1.95
C PRO A 449 -1.21 -23.37 1.03
N SER A 450 -2.21 -24.14 0.60
CA SER A 450 -2.12 -25.05 -0.52
C SER A 450 -2.68 -24.44 -1.81
N ILE A 451 -2.34 -25.10 -2.94
CA ILE A 451 -2.87 -24.76 -4.26
C ILE A 451 -4.41 -24.89 -4.28
N ARG A 452 -4.91 -25.87 -3.53
CA ARG A 452 -6.34 -26.12 -3.45
C ARG A 452 -7.04 -24.98 -2.71
N LEU A 453 -6.44 -24.47 -1.61
CA LEU A 453 -7.04 -23.30 -0.96
C LEU A 453 -7.16 -22.12 -1.94
N LYS A 454 -6.15 -21.90 -2.78
CA LYS A 454 -6.22 -20.86 -3.80
C LYS A 454 -7.41 -21.05 -4.77
N ALA A 455 -7.72 -22.30 -5.11
CA ALA A 455 -8.86 -22.64 -5.99
C ALA A 455 -10.19 -22.34 -5.33
N ILE A 456 -10.32 -22.65 -4.04
CA ILE A 456 -11.53 -22.33 -3.27
C ILE A 456 -11.77 -20.81 -3.29
N ARG A 457 -10.71 -20.05 -2.96
CA ARG A 457 -10.74 -18.59 -2.99
C ARG A 457 -11.29 -18.13 -4.34
N LYS A 458 -10.72 -18.66 -5.41
CA LYS A 458 -11.10 -18.23 -6.75
C LYS A 458 -12.60 -18.51 -6.97
N GLY A 459 -13.06 -19.67 -6.50
CA GLY A 459 -14.48 -20.04 -6.66
C GLY A 459 -15.41 -19.11 -5.87
N ILE A 460 -14.96 -18.68 -4.69
CA ILE A 460 -15.68 -17.66 -3.92
C ILE A 460 -15.77 -16.34 -4.68
N GLU A 461 -14.69 -15.97 -5.43
CA GLU A 461 -14.75 -14.80 -6.31
C GLU A 461 -15.70 -15.04 -7.50
N ASP A 462 -15.73 -16.25 -8.08
CA ASP A 462 -16.67 -16.58 -9.15
C ASP A 462 -18.12 -16.40 -8.68
N TYR A 463 -18.38 -16.87 -7.45
CA TYR A 463 -19.69 -16.71 -6.85
C TYR A 463 -20.05 -15.22 -6.80
N GLU A 464 -19.08 -14.41 -6.36
CA GLU A 464 -19.29 -12.98 -6.22
C GLU A 464 -19.68 -12.29 -7.54
N TYR A 465 -19.06 -12.68 -8.67
CA TYR A 465 -19.35 -12.11 -9.97
C TYR A 465 -20.83 -12.32 -10.28
N ILE A 466 -21.31 -13.54 -10.04
CA ILE A 466 -22.70 -13.87 -10.29
C ILE A 466 -23.63 -13.09 -9.34
N GLU A 467 -23.25 -13.00 -8.07
CA GLU A 467 -24.05 -12.27 -7.09
C GLU A 467 -24.17 -10.80 -7.46
N ILE A 468 -23.07 -10.18 -7.90
CA ILE A 468 -23.09 -8.79 -8.36
C ILE A 468 -24.10 -8.59 -9.51
N LEU A 469 -24.10 -9.49 -10.49
CA LEU A 469 -25.05 -9.39 -11.58
C LEU A 469 -26.47 -9.61 -11.09
N LYS A 470 -26.69 -10.51 -10.14
CA LYS A 470 -28.03 -10.69 -9.59
C LYS A 470 -28.50 -9.37 -8.96
N ASN A 471 -27.59 -8.74 -8.20
CA ASN A 471 -27.91 -7.51 -7.47
C ASN A 471 -28.20 -6.36 -8.44
N LEU A 472 -27.64 -6.39 -9.64
CA LEU A 472 -27.83 -5.34 -10.63
C LEU A 472 -29.11 -5.58 -11.44
N GLY A 473 -29.79 -6.70 -11.22
CA GLY A 473 -31.05 -7.05 -11.88
C GLY A 473 -30.85 -8.00 -13.06
N HIS A 474 -29.69 -8.68 -13.12
CA HIS A 474 -29.33 -9.50 -14.26
C HIS A 474 -29.14 -10.96 -13.85
N GLU A 475 -29.97 -11.45 -12.93
CA GLU A 475 -29.86 -12.85 -12.47
C GLU A 475 -29.95 -13.89 -13.57
N GLN A 476 -30.99 -13.87 -14.42
CA GLN A 476 -31.16 -14.93 -15.39
C GLN A 476 -30.03 -14.94 -16.41
N TRP A 477 -29.57 -13.74 -16.79
CA TRP A 477 -28.49 -13.61 -17.74
C TRP A 477 -27.23 -14.28 -17.20
N ALA A 478 -27.00 -14.08 -15.90
CA ALA A 478 -25.81 -14.63 -15.26
C ALA A 478 -25.94 -16.13 -15.11
N LEU A 479 -27.15 -16.63 -14.78
CA LEU A 479 -27.35 -18.07 -14.66
C LEU A 479 -27.23 -18.84 -15.97
N GLU A 480 -27.61 -18.22 -17.11
CA GLU A 480 -27.44 -18.82 -18.43
C GLU A 480 -25.94 -19.17 -18.61
N ILE A 481 -25.09 -18.22 -18.25
CA ILE A 481 -23.65 -18.43 -18.32
C ILE A 481 -23.21 -19.50 -17.31
N SER A 482 -23.62 -19.39 -16.05
CA SER A 482 -23.26 -20.36 -15.01
C SER A 482 -23.68 -21.78 -15.41
N GLN A 483 -24.90 -21.92 -15.99
CA GLN A 483 -25.44 -23.22 -16.37
C GLN A 483 -24.74 -23.76 -17.62
N SER A 484 -23.99 -22.92 -18.36
CA SER A 484 -23.23 -23.37 -19.50
C SER A 484 -21.94 -24.09 -19.12
N VAL A 485 -21.43 -23.91 -17.90
CA VAL A 485 -20.21 -24.57 -17.46
C VAL A 485 -20.39 -25.41 -16.21
N GLY A 486 -21.32 -25.03 -15.31
CA GLY A 486 -21.54 -25.81 -14.09
C GLY A 486 -23.01 -25.90 -13.71
N PRO A 487 -23.88 -26.52 -14.55
CA PRO A 487 -25.31 -26.52 -14.28
C PRO A 487 -25.70 -27.32 -13.02
N ASP A 488 -24.99 -28.40 -12.71
CA ASP A 488 -25.39 -29.31 -11.65
C ASP A 488 -24.19 -30.19 -11.30
N TRP A 489 -24.40 -31.17 -10.37
CA TRP A 489 -23.32 -31.98 -9.84
C TRP A 489 -22.88 -33.07 -10.81
N HIS A 490 -23.72 -33.35 -11.83
CA HIS A 490 -23.46 -34.38 -12.82
C HIS A 490 -22.72 -33.82 -14.02
N ASN A 491 -23.08 -32.62 -14.47
CA ASN A 491 -22.66 -32.05 -15.73
C ASN A 491 -21.99 -30.73 -15.39
N TRP A 492 -20.67 -30.73 -15.42
CA TRP A 492 -19.89 -29.55 -15.11
C TRP A 492 -18.57 -29.72 -15.88
N THR A 493 -17.95 -28.62 -16.31
CA THR A 493 -16.77 -28.71 -17.16
C THR A 493 -15.53 -29.14 -16.39
N LYS A 494 -14.71 -29.97 -17.05
CA LYS A 494 -13.40 -30.31 -16.50
C LYS A 494 -12.29 -29.44 -17.08
N ASP A 495 -12.64 -28.44 -17.91
CA ASP A 495 -11.66 -27.69 -18.66
C ASP A 495 -11.53 -26.28 -18.11
N HIS A 496 -10.35 -25.95 -17.57
CA HIS A 496 -10.18 -24.65 -16.94
C HIS A 496 -10.44 -23.52 -17.94
N HIS A 497 -10.13 -23.73 -19.23
CA HIS A 497 -10.34 -22.71 -20.25
C HIS A 497 -11.80 -22.32 -20.34
N LYS A 498 -12.72 -23.28 -20.18
CA LYS A 498 -14.13 -22.91 -20.31
C LYS A 498 -14.62 -22.10 -19.12
N LEU A 499 -14.13 -22.40 -17.93
CA LEU A 499 -14.45 -21.62 -16.76
C LEU A 499 -13.89 -20.21 -16.90
N GLU A 500 -12.65 -20.09 -17.42
CA GLU A 500 -12.03 -18.77 -17.63
C GLU A 500 -12.86 -17.96 -18.62
N TRP A 501 -13.31 -18.62 -19.68
CA TRP A 501 -14.15 -17.99 -20.70
C TRP A 501 -15.45 -17.44 -20.10
N ALA A 502 -16.12 -18.27 -19.28
CA ALA A 502 -17.38 -17.90 -18.63
C ALA A 502 -17.19 -16.70 -17.71
N ARG A 503 -16.13 -16.75 -16.88
CA ARG A 503 -15.81 -15.68 -15.97
C ARG A 503 -15.60 -14.38 -16.73
N LYS A 504 -14.90 -14.40 -17.86
CA LYS A 504 -14.59 -13.18 -18.59
C LYS A 504 -15.88 -12.56 -19.14
N GLN A 505 -16.83 -13.41 -19.58
CA GLN A 505 -18.11 -12.91 -20.09
C GLN A 505 -18.85 -12.15 -18.99
N LEU A 506 -18.83 -12.73 -17.79
CA LEU A 506 -19.48 -12.11 -16.65
C LEU A 506 -18.80 -10.78 -16.29
N GLY A 507 -17.47 -10.83 -16.15
CA GLY A 507 -16.71 -9.64 -15.80
C GLY A 507 -16.82 -8.51 -16.83
N GLU A 508 -16.76 -8.84 -18.13
CA GLU A 508 -16.91 -7.82 -19.15
C GLU A 508 -18.29 -7.15 -19.05
N ARG A 509 -19.33 -7.94 -18.78
CA ARG A 509 -20.67 -7.37 -18.69
C ARG A 509 -20.80 -6.44 -17.50
N ILE A 510 -20.28 -6.82 -16.32
CA ILE A 510 -20.38 -5.97 -15.16
C ILE A 510 -19.59 -4.69 -15.46
N ASN A 511 -18.44 -4.83 -16.10
CA ASN A 511 -17.63 -3.66 -16.42
C ASN A 511 -18.46 -2.64 -17.21
N ASP A 512 -19.16 -3.16 -18.20
CA ASP A 512 -20.00 -2.38 -19.11
C ASP A 512 -21.14 -1.71 -18.35
N LEU A 513 -21.83 -2.49 -17.51
CA LEU A 513 -22.96 -1.94 -16.75
C LEU A 513 -22.51 -0.87 -15.76
N MET A 514 -21.25 -0.89 -15.31
CA MET A 514 -20.78 0.09 -14.35
C MET A 514 -20.13 1.29 -15.03
N THR A 515 -20.02 1.28 -16.35
CA THR A 515 -19.32 2.32 -17.09
C THR A 515 -20.32 3.01 -18.04
N LYS A 516 -21.61 2.93 -17.74
CA LYS A 516 -22.65 3.66 -18.47
C LYS A 516 -22.71 5.14 -18.05
N SER B 12 -19.96 30.18 19.54
CA SER B 12 -20.17 30.87 18.24
C SER B 12 -19.18 30.28 17.22
N LEU B 13 -18.54 31.10 16.39
CA LEU B 13 -17.50 30.62 15.49
C LEU B 13 -16.45 31.72 15.35
N SER B 14 -15.26 31.47 15.92
CA SER B 14 -14.14 32.40 15.93
C SER B 14 -13.23 32.01 14.78
N VAL B 15 -12.84 32.98 13.96
CA VAL B 15 -12.06 32.72 12.75
C VAL B 15 -10.91 33.71 12.77
N TRP B 16 -9.70 33.29 12.39
CA TRP B 16 -8.58 34.20 12.30
C TRP B 16 -7.51 33.62 11.38
N THR B 17 -6.62 34.49 10.92
CA THR B 17 -5.57 34.07 10.00
C THR B 17 -4.21 34.04 10.70
N ALA B 18 -3.30 33.29 10.06
CA ALA B 18 -1.91 33.19 10.49
C ALA B 18 -1.03 33.08 9.25
N SER B 19 0.21 33.55 9.41
CA SER B 19 1.24 33.50 8.38
C SER B 19 1.70 32.07 8.14
N SER B 20 2.36 31.88 6.99
CA SER B 20 2.76 30.54 6.56
C SER B 20 3.64 29.80 7.60
N GLN B 21 4.63 30.48 8.23
CA GLN B 21 5.54 29.81 9.16
C GLN B 21 5.17 30.05 10.63
N GLU B 22 3.90 30.37 10.90
CA GLU B 22 3.36 30.48 12.25
C GLU B 22 2.69 29.17 12.62
N ARG B 23 3.13 28.54 13.70
CA ARG B 23 2.45 27.34 14.17
C ARG B 23 1.15 27.69 14.91
N VAL B 24 0.04 27.05 14.52
CA VAL B 24 -1.22 27.25 15.22
C VAL B 24 -1.51 25.99 16.01
N ARG B 25 -1.46 26.12 17.34
CA ARG B 25 -1.77 25.01 18.24
C ARG B 25 -3.26 24.79 18.41
N GLN B 26 -3.63 23.54 18.73
CA GLN B 26 -5.03 23.22 18.97
C GLN B 26 -5.70 24.13 19.99
N ASP B 27 -4.91 24.57 20.96
CA ASP B 27 -5.44 25.31 22.10
C ASP B 27 -5.09 26.78 22.04
N ASP B 28 -4.58 27.27 20.89
CA ASP B 28 -4.28 28.68 20.78
C ASP B 28 -5.58 29.47 20.86
N PRO B 29 -5.53 30.66 21.50
CA PRO B 29 -6.66 31.57 21.53
C PRO B 29 -6.83 32.22 20.15
N ALA B 30 -8.06 32.71 19.90
CA ALA B 30 -8.38 33.40 18.66
C ALA B 30 -7.47 34.63 18.49
N GLY B 31 -6.99 34.79 17.26
CA GLY B 31 -6.19 35.93 16.85
C GLY B 31 -7.06 37.12 16.47
N GLU B 32 -6.40 38.20 16.05
CA GLU B 32 -7.10 39.47 15.96
C GLU B 32 -7.58 39.82 14.56
N SER B 33 -7.10 39.18 13.48
CA SER B 33 -7.65 39.51 12.17
C SER B 33 -8.16 38.25 11.49
N LEU B 34 -9.23 38.40 10.71
CA LEU B 34 -9.60 37.30 9.81
C LEU B 34 -9.27 37.63 8.36
N ASN B 35 -8.50 38.72 8.11
CA ASN B 35 -8.07 39.04 6.76
C ASN B 35 -6.58 38.73 6.60
N ILE B 36 -6.11 38.68 5.35
CA ILE B 36 -4.71 38.43 5.09
C ILE B 36 -4.24 39.33 3.94
N GLU B 37 -3.01 39.84 4.07
CA GLU B 37 -2.39 40.66 3.02
C GLU B 37 -1.03 40.06 2.66
N LEU B 38 -0.88 39.68 1.39
CA LEU B 38 0.28 38.96 0.87
C LEU B 38 0.87 39.72 -0.32
N PHE B 39 2.15 39.38 -0.59
CA PHE B 39 2.89 39.88 -1.73
C PHE B 39 3.64 38.74 -2.38
N ALA B 40 3.74 38.71 -3.70
CA ALA B 40 4.47 37.67 -4.42
C ALA B 40 4.76 38.08 -5.85
N ALA B 41 5.72 37.36 -6.46
CA ALA B 41 6.08 37.43 -7.87
C ALA B 41 5.28 36.45 -8.71
N ARG B 42 5.31 36.64 -10.05
CA ARG B 42 4.79 35.66 -10.98
C ARG B 42 5.56 34.37 -10.74
N GLY B 43 4.85 33.23 -10.75
CA GLY B 43 5.51 31.94 -10.66
C GLY B 43 5.97 31.59 -9.24
N GLU B 44 5.43 32.30 -8.27
CA GLU B 44 5.69 32.07 -6.85
C GLU B 44 4.43 31.63 -6.11
N TYR B 45 4.64 30.81 -5.06
CA TYR B 45 3.64 30.57 -4.04
C TYR B 45 3.74 31.55 -2.86
N GLU B 46 2.58 31.94 -2.37
CA GLU B 46 2.45 32.48 -1.02
C GLU B 46 1.30 31.74 -0.37
N SER B 47 1.41 31.51 0.94
CA SER B 47 0.43 30.70 1.66
C SER B 47 -0.03 31.43 2.91
N PHE B 48 -1.18 31.04 3.41
CA PHE B 48 -1.64 31.48 4.70
C PHE B 48 -2.54 30.42 5.29
N GLN B 49 -2.87 30.62 6.56
CA GLN B 49 -3.67 29.67 7.31
C GLN B 49 -4.92 30.34 7.85
N VAL B 50 -6.02 29.61 7.86
CA VAL B 50 -7.27 30.06 8.49
C VAL B 50 -7.56 29.10 9.64
N ALA B 51 -7.55 29.65 10.86
CA ALA B 51 -7.82 28.91 12.10
C ALA B 51 -9.28 29.14 12.53
N LEU B 52 -9.88 28.09 13.09
CA LEU B 52 -11.29 28.08 13.43
C LEU B 52 -11.45 27.51 14.84
N LYS B 53 -12.34 28.11 15.63
CA LYS B 53 -12.61 27.66 16.96
C LYS B 53 -14.11 27.78 17.20
N ALA B 54 -14.69 26.78 17.85
CA ALA B 54 -16.06 26.92 18.31
C ALA B 54 -16.06 26.99 19.84
N PRO B 55 -16.14 28.19 20.44
CA PRO B 55 -16.09 28.34 21.90
C PRO B 55 -17.30 27.71 22.59
N GLU B 56 -18.46 27.78 21.95
CA GLU B 56 -19.70 27.23 22.48
C GLU B 56 -20.15 26.09 21.60
N GLY B 57 -20.38 24.92 22.18
CA GLY B 57 -20.97 23.84 21.42
C GLY B 57 -20.09 23.44 20.24
N GLU B 58 -20.75 22.91 19.19
CA GLU B 58 -20.04 22.25 18.10
C GLU B 58 -20.69 22.64 16.77
N HIS B 59 -19.88 22.45 15.74
CA HIS B 59 -20.31 22.61 14.37
C HIS B 59 -19.96 21.30 13.68
N ARG B 60 -20.97 20.56 13.26
CA ARG B 60 -20.74 19.20 12.82
C ARG B 60 -20.31 19.16 11.37
N ASN B 61 -20.72 20.17 10.60
CA ASN B 61 -20.62 20.11 9.16
C ASN B 61 -20.03 21.41 8.61
N VAL B 62 -18.71 21.57 8.74
CA VAL B 62 -18.03 22.80 8.32
C VAL B 62 -17.47 22.63 6.91
N HIS B 63 -17.77 23.62 6.06
CA HIS B 63 -17.25 23.76 4.71
C HIS B 63 -16.39 25.01 4.57
N PHE B 64 -15.56 25.00 3.52
CA PHE B 64 -14.58 26.05 3.25
C PHE B 64 -14.38 26.23 1.75
N VAL B 65 -14.61 27.47 1.24
CA VAL B 65 -14.40 27.75 -0.19
C VAL B 65 -13.63 29.06 -0.34
N VAL B 66 -13.02 29.24 -1.52
CA VAL B 66 -12.34 30.46 -1.88
C VAL B 66 -12.93 30.96 -3.19
N SER B 67 -12.74 32.27 -3.41
CA SER B 67 -13.14 32.92 -4.63
C SER B 67 -11.93 33.12 -5.54
N ASP B 68 -12.25 33.63 -6.73
CA ASP B 68 -11.21 34.17 -7.58
C ASP B 68 -10.68 35.45 -6.94
N LEU B 69 -9.44 35.80 -7.27
CA LEU B 69 -8.86 37.04 -6.84
C LEU B 69 -8.99 38.06 -7.97
N LYS B 70 -9.81 39.08 -7.71
CA LYS B 70 -10.12 40.04 -8.76
C LYS B 70 -9.13 41.21 -8.68
N GLY B 71 -8.63 41.62 -9.86
CA GLY B 71 -7.77 42.79 -9.97
C GLY B 71 -8.51 43.96 -10.62
N THR B 72 -7.76 44.92 -11.14
CA THR B 72 -8.29 46.07 -11.85
C THR B 72 -8.91 45.61 -13.16
N GLY B 73 -10.09 46.12 -13.52
CA GLY B 73 -10.61 45.83 -14.85
C GLY B 73 -10.93 44.35 -15.00
N ASP B 74 -10.41 43.70 -16.06
CA ASP B 74 -10.73 42.32 -16.32
C ASP B 74 -9.66 41.38 -15.77
N SER B 75 -8.61 41.93 -15.13
CA SER B 75 -7.56 41.08 -14.60
C SER B 75 -8.07 40.33 -13.38
N PHE B 76 -7.63 39.08 -13.29
CA PHE B 76 -7.95 38.24 -12.16
C PHE B 76 -7.01 37.02 -12.12
N ILE B 77 -6.99 36.39 -10.95
CA ILE B 77 -6.33 35.12 -10.72
C ILE B 77 -7.44 34.12 -10.39
N SER B 78 -7.53 33.08 -11.20
CA SER B 78 -8.54 32.07 -11.04
C SER B 78 -8.36 31.36 -9.70
N LYS B 79 -9.47 30.94 -9.08
CA LYS B 79 -9.38 30.13 -7.87
C LYS B 79 -8.78 28.77 -8.16
N SER B 80 -8.66 28.39 -9.45
CA SER B 80 -7.95 27.18 -9.82
C SER B 80 -6.47 27.24 -9.40
N ASN B 81 -5.91 28.43 -9.15
CA ASN B 81 -4.53 28.58 -8.72
C ASN B 81 -4.35 28.44 -7.20
N LEU B 82 -5.45 28.27 -6.48
CA LEU B 82 -5.41 28.08 -5.03
C LEU B 82 -5.54 26.61 -4.73
N THR B 83 -4.75 26.15 -3.75
CA THR B 83 -4.84 24.76 -3.32
C THR B 83 -5.09 24.72 -1.83
N LEU B 84 -6.06 23.88 -1.41
CA LEU B 84 -6.58 23.90 -0.05
C LEU B 84 -6.30 22.55 0.62
N TYR B 85 -5.96 22.61 1.89
CA TYR B 85 -5.81 21.43 2.72
C TYR B 85 -6.35 21.70 4.12
N ARG B 86 -6.75 20.65 4.83
CA ARG B 86 -7.03 20.77 6.26
C ARG B 86 -5.84 20.20 7.03
N GLU B 87 -5.33 20.94 8.06
CA GLU B 87 -4.20 20.49 8.85
C GLU B 87 -4.62 19.31 9.74
N HIS B 88 -3.78 18.30 9.75
CA HIS B 88 -3.90 17.16 10.65
C HIS B 88 -2.84 17.24 11.75
N TYR B 89 -3.31 17.13 12.99
CA TYR B 89 -2.44 17.18 14.15
C TYR B 89 -2.00 15.77 14.53
N VAL B 90 -0.71 15.65 14.86
CA VAL B 90 -0.11 14.38 15.28
C VAL B 90 0.40 14.59 16.71
N TYR B 91 0.28 13.55 17.52
CA TYR B 91 0.71 13.63 18.91
C TYR B 91 2.12 13.07 19.12
N ILE B 92 3.02 13.94 19.58
CA ILE B 92 4.37 13.63 19.99
C ILE B 92 4.44 13.40 21.50
N SER B 93 4.74 12.15 21.84
CA SER B 93 4.77 11.71 23.24
C SER B 93 6.19 11.65 23.79
N GLU B 94 7.22 11.72 22.94
CA GLU B 94 8.62 11.70 23.33
C GLU B 94 9.33 12.80 22.55
N SER B 95 9.98 13.72 23.30
CA SER B 95 10.62 14.89 22.73
C SER B 95 11.83 14.46 21.88
N SER B 96 12.07 15.17 20.77
CA SER B 96 13.35 15.13 20.11
C SER B 96 14.39 15.67 21.11
N PRO B 97 15.69 15.42 20.88
CA PRO B 97 16.70 15.89 21.82
C PRO B 97 16.67 17.37 22.09
N GLN B 98 16.99 17.67 23.37
CA GLN B 98 17.01 19.00 23.94
C GLN B 98 18.46 19.34 24.30
N ARG B 99 19.07 20.21 23.51
CA ARG B 99 20.45 20.61 23.75
C ARG B 99 20.63 22.06 23.30
N GLY B 100 21.39 22.80 24.11
CA GLY B 100 21.83 24.12 23.67
C GLY B 100 20.72 25.18 23.59
N THR B 101 20.85 26.05 22.57
CA THR B 101 20.05 27.25 22.46
C THR B 101 18.81 27.03 21.59
N VAL B 102 18.77 25.93 20.80
CA VAL B 102 17.71 25.65 19.85
C VAL B 102 16.97 24.39 20.30
N LEU B 103 15.77 24.57 20.85
CA LEU B 103 15.10 23.48 21.57
C LEU B 103 13.76 23.19 20.93
N PRO B 104 13.31 21.94 21.05
CA PRO B 104 11.96 21.60 20.66
C PRO B 104 10.93 22.12 21.64
N GLU B 105 9.63 22.05 21.26
CA GLU B 105 8.59 22.77 21.97
C GLU B 105 7.86 21.88 23.00
N GLY B 106 8.19 20.59 23.04
CA GLY B 106 7.69 19.72 24.07
C GLY B 106 6.63 18.75 23.56
N PRO B 107 6.38 17.64 24.28
CA PRO B 107 5.30 16.73 23.92
C PRO B 107 3.99 17.49 23.73
N GLY B 108 3.19 16.99 22.81
CA GLY B 108 1.91 17.63 22.53
C GLY B 108 1.43 17.36 21.11
N TRP B 109 0.36 18.05 20.71
CA TRP B 109 -0.21 17.92 19.36
C TRP B 109 0.43 18.93 18.42
N TYR B 110 0.87 18.45 17.26
CA TYR B 110 1.56 19.29 16.30
C TYR B 110 0.86 19.18 14.95
N PRO B 111 0.54 20.30 14.27
CA PRO B 111 -0.03 20.23 12.93
C PRO B 111 1.07 19.93 11.93
N ASP B 112 0.86 18.96 11.04
CA ASP B 112 1.92 18.68 10.08
C ASP B 112 1.40 18.09 8.78
N ALA B 113 0.66 16.95 8.81
CA ALA B 113 0.14 16.39 7.59
C ALA B 113 -0.95 17.27 7.00
N LEU B 114 -1.00 17.38 5.67
CA LEU B 114 -2.00 18.20 4.98
C LEU B 114 -2.99 17.28 4.24
N ILE B 115 -4.26 17.37 4.64
CA ILE B 115 -5.33 16.56 4.04
C ILE B 115 -5.91 17.35 2.88
N PRO B 116 -5.66 16.95 1.62
CA PRO B 116 -6.05 17.74 0.46
C PRO B 116 -7.58 17.72 0.26
N PHE B 117 -8.13 18.89 -0.11
CA PHE B 117 -9.51 19.01 -0.60
C PHE B 117 -9.68 18.31 -1.95
N ILE B 118 -8.63 18.21 -2.76
CA ILE B 118 -8.68 17.73 -4.13
C ILE B 118 -7.63 16.65 -4.34
N ASP B 119 -8.05 15.51 -4.91
CA ASP B 119 -7.11 14.51 -5.39
C ASP B 119 -6.46 15.01 -6.68
N PRO B 120 -5.13 15.26 -6.76
CA PRO B 120 -4.53 15.70 -8.01
C PRO B 120 -4.70 14.74 -9.19
N ALA B 121 -4.98 13.46 -8.89
CA ALA B 121 -5.19 12.45 -9.92
C ALA B 121 -6.46 12.78 -10.72
N THR B 122 -7.47 13.33 -10.05
CA THR B 122 -8.78 13.46 -10.66
C THR B 122 -9.20 14.93 -10.78
N ASN B 123 -8.48 15.82 -10.10
CA ASN B 123 -8.92 17.19 -9.92
C ASN B 123 -10.34 17.26 -9.36
N GLU B 124 -10.74 16.30 -8.52
CA GLU B 124 -11.99 16.33 -7.79
C GLU B 124 -11.72 15.93 -6.34
N PRO B 125 -12.67 16.14 -5.41
CA PRO B 125 -12.50 15.66 -4.04
C PRO B 125 -12.29 14.16 -3.98
N PRO B 126 -11.42 13.70 -3.05
CA PRO B 126 -11.28 12.29 -2.76
C PRO B 126 -12.58 11.75 -2.18
N SER B 127 -12.77 10.43 -2.32
CA SER B 127 -13.91 9.73 -1.74
C SER B 127 -13.42 8.49 -1.00
N GLY B 128 -14.04 8.17 0.14
CA GLY B 128 -13.81 6.89 0.80
C GLY B 128 -12.67 6.89 1.82
N GLY B 129 -11.99 8.03 2.02
CA GLY B 129 -10.84 8.05 2.91
C GLY B 129 -11.27 7.99 4.37
N GLU B 130 -10.39 7.44 5.23
CA GLU B 130 -10.62 7.44 6.66
C GLU B 130 -10.66 8.89 7.16
N LEU B 131 -9.84 9.77 6.57
CA LEU B 131 -9.76 11.19 6.95
C LEU B 131 -10.20 11.98 5.72
N ILE B 132 -11.08 12.97 5.93
CA ILE B 132 -11.53 13.79 4.81
C ILE B 132 -11.37 15.24 5.26
N ALA B 133 -11.03 16.08 4.28
CA ALA B 133 -10.77 17.48 4.56
C ALA B 133 -12.07 18.18 4.91
N VAL B 134 -13.08 18.07 4.03
CA VAL B 134 -14.33 18.78 4.19
C VAL B 134 -15.43 17.82 3.79
N PRO B 135 -16.60 17.84 4.45
CA PRO B 135 -16.82 18.63 5.67
C PRO B 135 -16.12 18.11 6.92
N PHE B 136 -16.01 18.96 7.95
CA PHE B 136 -15.33 18.57 9.18
C PHE B 136 -16.06 19.11 10.38
N ALA B 137 -15.85 18.42 11.51
CA ALA B 137 -16.41 18.89 12.77
C ALA B 137 -15.39 19.74 13.51
N LEU B 138 -15.95 20.76 14.16
CA LEU B 138 -15.30 21.70 15.04
C LEU B 138 -15.88 21.47 16.43
N GLU B 139 -15.02 20.99 17.34
CA GLU B 139 -15.44 20.50 18.64
C GLU B 139 -14.67 21.25 19.73
N ASN B 140 -15.22 21.17 20.94
CA ASN B 140 -15.12 22.26 21.89
C ASN B 140 -13.66 22.63 22.07
N ASN B 141 -13.41 23.84 21.58
CA ASN B 141 -12.24 24.64 21.91
C ASN B 141 -11.05 24.22 21.05
N SER B 142 -11.08 23.00 20.49
CA SER B 142 -9.94 22.45 19.75
C SER B 142 -9.96 23.03 18.34
N ASN B 143 -8.92 23.79 18.01
CA ASN B 143 -8.90 24.53 16.74
C ASN B 143 -8.81 23.56 15.58
N GLN B 144 -9.37 23.97 14.44
CA GLN B 144 -9.12 23.36 13.14
C GLN B 144 -8.46 24.45 12.29
N VAL B 145 -7.61 24.02 11.36
CA VAL B 145 -6.84 24.98 10.57
C VAL B 145 -6.84 24.53 9.13
N ILE B 146 -7.11 25.49 8.25
CA ILE B 146 -7.04 25.33 6.79
C ILE B 146 -5.78 26.00 6.24
N TRP B 147 -5.02 25.24 5.43
CA TRP B 147 -3.81 25.72 4.77
C TRP B 147 -4.20 26.13 3.35
N VAL B 148 -3.92 27.38 2.98
CA VAL B 148 -4.21 27.89 1.63
C VAL B 148 -2.93 28.26 0.90
N ASP B 149 -2.69 27.58 -0.26
CA ASP B 149 -1.63 27.93 -1.18
C ASP B 149 -2.19 28.76 -2.34
N ILE B 150 -1.51 29.88 -2.65
CA ILE B 150 -1.79 30.65 -3.84
C ILE B 150 -0.57 30.56 -4.74
N GLN B 151 -0.76 30.07 -5.97
CA GLN B 151 0.29 30.07 -6.97
C GLN B 151 0.02 31.18 -7.98
N VAL B 152 0.91 32.18 -8.01
CA VAL B 152 0.69 33.33 -8.90
C VAL B 152 0.98 32.86 -10.32
N PRO B 153 0.04 32.97 -11.29
CA PRO B 153 0.34 32.64 -12.69
C PRO B 153 1.54 33.38 -13.27
N ARG B 154 2.18 32.72 -14.23
CA ARG B 154 3.45 33.18 -14.76
C ARG B 154 3.26 34.45 -15.60
N ASP B 155 2.03 34.67 -16.06
CA ASP B 155 1.67 35.85 -16.83
C ASP B 155 0.69 36.78 -16.10
N ALA B 156 0.56 36.71 -14.77
CA ALA B 156 -0.31 37.63 -14.05
C ALA B 156 0.19 39.07 -14.16
N GLU B 157 -0.74 40.01 -14.37
CA GLU B 157 -0.45 41.45 -14.39
C GLU B 157 0.01 41.89 -13.00
N ALA B 158 1.05 42.74 -12.91
CA ALA B 158 1.43 43.33 -11.63
C ALA B 158 0.30 44.21 -11.08
N GLY B 159 0.22 44.28 -9.77
CA GLY B 159 -0.72 45.13 -9.06
C GLY B 159 -1.56 44.37 -8.04
N HIS B 160 -2.65 44.98 -7.61
CA HIS B 160 -3.36 44.51 -6.42
C HIS B 160 -4.55 43.66 -6.83
N TYR B 161 -4.83 42.60 -6.07
CA TYR B 161 -5.91 41.66 -6.30
C TYR B 161 -6.60 41.38 -4.97
N SER B 162 -7.92 41.11 -5.01
CA SER B 162 -8.70 40.93 -3.81
C SER B 162 -9.69 39.78 -4.05
N GLY B 163 -9.78 38.84 -3.09
CA GLY B 163 -10.81 37.83 -3.07
C GLY B 163 -11.23 37.49 -1.65
N SER B 164 -11.88 36.34 -1.46
CA SER B 164 -12.50 35.97 -0.21
C SER B 164 -12.33 34.49 0.03
N TYR B 165 -12.36 34.13 1.30
CA TYR B 165 -12.64 32.77 1.73
C TYR B 165 -13.90 32.79 2.59
N ILE B 166 -14.68 31.71 2.52
CA ILE B 166 -15.91 31.58 3.26
C ILE B 166 -15.90 30.26 4.03
N VAL B 167 -16.05 30.40 5.36
CA VAL B 167 -16.27 29.30 6.26
C VAL B 167 -17.76 29.20 6.47
N SER B 168 -18.34 28.02 6.24
CA SER B 168 -19.77 27.85 6.48
C SER B 168 -20.06 26.56 7.27
N SER B 169 -21.08 26.62 8.12
CA SER B 169 -21.54 25.42 8.81
C SER B 169 -23.06 25.46 8.86
N GLU B 170 -23.62 24.46 9.52
CA GLU B 170 -25.05 24.40 9.70
C GLU B 170 -25.48 25.55 10.63
N HIS B 171 -24.53 26.20 11.31
CA HIS B 171 -24.84 27.23 12.30
C HIS B 171 -24.34 28.63 11.93
N GLY B 172 -23.69 28.85 10.78
CA GLY B 172 -23.16 30.19 10.52
C GLY B 172 -22.28 30.26 9.27
N GLU B 173 -22.04 31.48 8.76
CA GLU B 173 -21.07 31.76 7.72
C GLU B 173 -20.21 32.94 8.16
N VAL B 174 -18.91 32.86 7.86
CA VAL B 174 -17.95 33.92 8.12
C VAL B 174 -17.06 34.05 6.88
N THR B 175 -16.83 35.30 6.43
CA THR B 175 -16.12 35.58 5.20
C THR B 175 -14.94 36.49 5.48
N GLY B 176 -13.72 36.04 5.11
CA GLY B 176 -12.52 36.85 5.28
C GLY B 176 -12.00 37.30 3.92
N GLN B 177 -11.18 38.34 3.93
CA GLN B 177 -10.60 38.87 2.71
C GLN B 177 -9.18 38.37 2.47
N ILE B 178 -8.93 38.08 1.19
CA ILE B 178 -7.60 37.78 0.65
C ILE B 178 -7.13 38.94 -0.23
N SER B 179 -6.06 39.63 0.21
CA SER B 179 -5.44 40.74 -0.49
C SER B 179 -4.04 40.29 -0.93
N LEU B 180 -3.80 40.36 -2.25
CA LEU B 180 -2.52 39.97 -2.84
C LEU B 180 -1.99 41.08 -3.75
N THR B 181 -0.73 41.46 -3.53
CA THR B 181 -0.01 42.34 -4.43
C THR B 181 0.96 41.46 -5.22
N VAL B 182 0.84 41.55 -6.55
CA VAL B 182 1.74 40.88 -7.49
C VAL B 182 2.81 41.87 -7.95
N TRP B 183 4.07 41.51 -7.66
CA TRP B 183 5.23 42.29 -8.07
C TRP B 183 5.55 42.03 -9.53
N ASN B 184 6.22 43.03 -10.13
CA ASN B 184 6.53 43.02 -11.55
C ASN B 184 7.82 42.26 -11.83
N PHE B 185 7.89 40.99 -11.42
CA PHE B 185 8.99 40.09 -11.75
C PHE B 185 8.54 38.64 -11.63
N GLU B 186 9.40 37.70 -12.04
CA GLU B 186 9.02 36.29 -12.17
C GLU B 186 10.12 35.43 -11.55
N LEU B 187 9.75 34.36 -10.84
CA LEU B 187 10.71 33.35 -10.46
C LEU B 187 10.85 32.40 -11.64
N PRO B 188 12.07 32.01 -12.07
CA PRO B 188 12.17 30.98 -13.12
C PRO B 188 11.54 29.66 -12.71
N LEU B 189 10.96 28.95 -13.71
CA LEU B 189 10.44 27.62 -13.49
C LEU B 189 11.56 26.67 -13.00
N LYS B 190 12.76 26.78 -13.59
CA LYS B 190 13.94 26.08 -13.15
C LYS B 190 14.49 26.75 -11.91
N PRO B 191 14.41 26.12 -10.71
CA PRO B 191 14.96 26.76 -9.51
C PRO B 191 16.48 26.92 -9.60
N SER B 192 16.99 28.06 -9.12
CA SER B 192 18.42 28.26 -9.03
C SER B 192 19.07 27.32 -7.99
N LEU B 193 18.37 27.03 -6.89
CA LEU B 193 18.90 26.14 -5.87
C LEU B 193 18.77 24.70 -6.38
N LYS B 194 19.88 23.97 -6.44
CA LYS B 194 19.87 22.56 -6.78
C LYS B 194 19.61 21.74 -5.51
N SER B 195 19.13 20.51 -5.68
CA SER B 195 18.78 19.68 -4.53
C SER B 195 18.86 18.20 -4.90
N THR B 196 18.97 17.38 -3.86
CA THR B 196 18.73 15.95 -3.95
C THR B 196 18.03 15.48 -2.70
N PHE B 197 16.78 15.04 -2.89
CA PHE B 197 15.99 14.48 -1.83
C PHE B 197 15.65 13.04 -2.22
N LEU B 198 15.98 12.09 -1.36
CA LEU B 198 15.91 10.68 -1.72
C LEU B 198 14.54 10.05 -1.40
N ILE B 199 14.11 9.22 -2.33
CA ILE B 199 12.90 8.41 -2.18
C ILE B 199 13.31 6.95 -2.08
N TRP B 200 12.94 6.25 -1.00
CA TRP B 200 13.44 4.91 -0.78
C TRP B 200 12.41 3.84 -1.06
N SER B 201 11.13 4.18 -0.97
CA SER B 201 10.13 3.12 -0.92
C SER B 201 9.04 3.37 -1.95
N SER B 202 8.57 4.61 -2.07
CA SER B 202 7.38 4.89 -2.87
C SER B 202 7.80 5.19 -4.31
N ARG B 203 7.61 4.20 -5.21
CA ARG B 203 8.12 4.28 -6.58
C ARG B 203 7.12 4.93 -7.56
N LYS B 204 5.99 5.46 -7.09
CA LYS B 204 5.03 6.09 -7.99
C LYS B 204 5.57 7.37 -8.59
N LYS B 205 5.20 7.65 -9.86
CA LYS B 205 5.52 8.90 -10.51
C LYS B 205 4.94 10.07 -9.70
N SER B 206 3.80 9.85 -9.04
CA SER B 206 3.13 10.90 -8.26
C SER B 206 3.99 11.37 -7.07
N THR B 207 4.86 10.49 -6.55
CA THR B 207 5.73 10.87 -5.44
C THR B 207 6.76 11.88 -5.94
N VAL B 208 7.42 11.54 -7.05
CA VAL B 208 8.36 12.45 -7.67
C VAL B 208 7.67 13.79 -7.94
N GLU B 209 6.45 13.73 -8.50
CA GLU B 209 5.78 14.95 -8.92
C GLU B 209 5.43 15.80 -7.71
N GLU B 210 5.10 15.18 -6.58
CA GLU B 210 4.80 15.94 -5.36
C GLU B 210 6.04 16.73 -4.92
N LEU B 211 7.23 16.15 -5.01
CA LEU B 211 8.42 16.90 -4.63
C LEU B 211 8.73 17.97 -5.67
N LEU B 212 8.64 17.67 -6.97
CA LEU B 212 8.96 18.65 -8.01
C LEU B 212 8.05 19.88 -7.90
N LYS B 213 6.76 19.67 -7.54
CA LYS B 213 5.80 20.77 -7.38
C LYS B 213 6.24 21.71 -6.26
N HIS B 214 7.00 21.19 -5.29
CA HIS B 214 7.57 21.97 -4.19
C HIS B 214 9.01 22.41 -4.48
N LYS B 215 9.48 22.32 -5.75
CA LYS B 215 10.76 22.88 -6.20
C LYS B 215 11.97 22.05 -5.77
N LEU B 216 11.71 20.80 -5.38
CA LEU B 216 12.72 19.86 -4.89
C LEU B 216 13.01 18.76 -5.91
N MET B 217 14.31 18.52 -6.14
CA MET B 217 14.70 17.47 -7.09
C MET B 217 14.91 16.19 -6.30
N CYS B 218 14.58 15.04 -6.91
CA CYS B 218 14.67 13.80 -6.15
C CYS B 218 15.44 12.73 -6.93
N GLN B 219 15.86 11.73 -6.18
CA GLN B 219 16.50 10.56 -6.74
C GLN B 219 15.94 9.35 -6.03
N GLN B 220 15.76 8.25 -6.80
CA GLN B 220 15.36 6.99 -6.21
C GLN B 220 16.55 6.34 -5.55
N TRP B 221 16.31 5.80 -4.36
CA TRP B 221 17.33 5.15 -3.59
C TRP B 221 16.90 3.73 -3.23
N ASN B 222 17.88 2.91 -2.87
CA ASN B 222 17.63 1.56 -2.42
C ASN B 222 16.93 0.72 -3.51
N LEU B 223 17.19 0.98 -4.79
CA LEU B 223 16.61 0.20 -5.89
C LEU B 223 17.21 -1.22 -5.86
N SER B 224 16.39 -2.20 -6.26
CA SER B 224 16.83 -3.57 -6.54
C SER B 224 17.69 -3.58 -7.80
N GLU B 225 18.55 -4.61 -7.90
CA GLU B 225 19.50 -4.71 -9.00
C GLU B 225 18.73 -4.60 -10.31
N GLU B 226 17.58 -5.25 -10.38
CA GLU B 226 16.82 -5.33 -11.63
C GLU B 226 16.16 -3.99 -11.96
N GLU B 227 15.89 -3.13 -10.97
CA GLU B 227 15.24 -1.85 -11.26
C GLU B 227 16.26 -0.79 -11.70
N LYS B 228 17.53 -0.96 -11.34
CA LYS B 228 18.55 0.05 -11.60
C LYS B 228 18.75 0.18 -13.11
N GLY B 229 19.03 1.39 -13.59
CA GLY B 229 19.35 1.64 -15.00
C GLY B 229 18.13 1.72 -15.92
N ALA B 230 16.92 1.87 -15.36
CA ALA B 230 15.73 2.13 -16.16
C ALA B 230 15.96 3.41 -16.96
N ALA B 231 15.31 3.55 -18.11
CA ALA B 231 15.43 4.80 -18.85
C ALA B 231 14.61 5.85 -18.09
N PRO B 232 15.08 7.11 -17.96
CA PRO B 232 14.27 8.19 -17.37
C PRO B 232 13.31 8.77 -18.39
N THR B 233 12.26 8.01 -18.70
CA THR B 233 11.34 8.35 -19.78
C THR B 233 10.51 9.60 -19.44
N SER B 234 10.27 9.87 -18.15
CA SER B 234 9.47 11.02 -17.73
C SER B 234 10.31 12.30 -17.62
N GLU B 235 11.63 12.23 -17.72
CA GLU B 235 12.48 13.35 -17.37
C GLU B 235 12.25 14.53 -18.31
N GLY B 236 12.06 14.30 -19.62
CA GLY B 236 11.86 15.41 -20.53
C GLY B 236 10.54 16.16 -20.26
N GLU B 237 9.47 15.41 -19.96
CA GLU B 237 8.20 15.98 -19.54
C GLU B 237 8.37 16.81 -18.25
N TRP B 238 9.14 16.28 -17.32
CA TRP B 238 9.33 16.96 -16.04
C TRP B 238 10.20 18.21 -16.16
N ILE B 239 11.20 18.24 -17.05
CA ILE B 239 11.96 19.47 -17.30
C ILE B 239 10.98 20.56 -17.78
N GLU B 240 10.12 20.19 -18.72
CA GLU B 240 9.14 21.07 -19.34
C GLU B 240 8.12 21.59 -18.31
N LYS B 241 7.63 20.70 -17.46
CA LYS B 241 6.56 21.03 -16.55
C LYS B 241 7.07 21.68 -15.26
N TYR B 242 8.20 21.19 -14.74
CA TYR B 242 8.61 21.48 -13.37
C TYR B 242 9.99 22.11 -13.27
N GLY B 243 10.70 22.24 -14.41
CA GLY B 243 11.99 22.90 -14.39
C GLY B 243 13.12 22.10 -13.71
N VAL B 244 13.07 20.78 -13.81
CA VAL B 244 14.13 19.92 -13.28
C VAL B 244 15.49 20.51 -13.65
N ASN B 245 16.36 20.68 -12.64
CA ASN B 245 17.60 21.41 -12.81
C ASN B 245 18.85 20.55 -12.66
N CYS B 246 18.72 19.27 -12.29
CA CYS B 246 19.86 18.37 -12.19
C CYS B 246 19.36 16.94 -12.11
N SER B 247 20.25 15.97 -12.37
CA SER B 247 19.91 14.56 -12.29
C SER B 247 21.13 13.77 -11.82
N GLY B 248 20.88 12.81 -10.91
CA GLY B 248 21.90 11.90 -10.38
C GLY B 248 21.99 10.60 -11.17
N LEU B 249 23.22 10.05 -11.38
CA LEU B 249 23.32 8.90 -12.28
C LEU B 249 23.23 7.57 -11.54
N GLY B 250 23.44 7.57 -10.23
CA GLY B 250 23.13 6.41 -9.40
C GLY B 250 24.23 5.36 -9.31
N PHE B 251 25.49 5.71 -9.59
CA PHE B 251 26.61 4.79 -9.38
C PHE B 251 27.07 4.90 -7.92
N TRP B 252 26.57 4.01 -7.06
CA TRP B 252 26.85 4.03 -5.64
C TRP B 252 28.10 3.20 -5.36
N SER B 253 29.10 3.79 -4.68
CA SER B 253 30.42 3.19 -4.57
C SER B 253 30.45 2.03 -3.57
N LYS B 254 29.61 2.13 -2.53
CA LYS B 254 29.55 1.19 -1.42
C LYS B 254 30.81 1.31 -0.58
N ALA B 255 31.35 2.54 -0.51
CA ALA B 255 32.53 2.83 0.30
C ALA B 255 32.31 2.31 1.72
N ASP B 256 33.37 1.74 2.31
CA ASP B 256 33.31 1.02 3.57
C ASP B 256 34.41 1.58 4.49
N THR B 257 34.00 2.47 5.41
CA THR B 257 34.85 3.12 6.38
C THR B 257 35.49 2.10 7.35
N PHE B 258 34.74 1.07 7.76
CA PHE B 258 35.17 0.13 8.78
C PHE B 258 36.39 -0.66 8.29
N ASN B 259 36.37 -1.12 7.03
CA ASN B 259 37.46 -1.91 6.45
C ASN B 259 38.42 -1.05 5.63
N GLY B 260 38.06 0.22 5.41
CA GLY B 260 38.88 1.16 4.68
C GLY B 260 38.96 0.85 3.18
N VAL B 261 37.87 0.33 2.60
CA VAL B 261 37.82 -0.18 1.24
C VAL B 261 36.80 0.61 0.42
N MET B 262 37.14 0.92 -0.84
CA MET B 262 36.23 1.51 -1.80
C MET B 262 36.51 0.89 -3.16
N PRO B 263 35.56 0.14 -3.76
CA PRO B 263 35.72 -0.46 -5.07
C PRO B 263 36.15 0.56 -6.10
N PRO B 264 36.81 0.16 -7.21
CA PRO B 264 37.17 1.12 -8.24
C PRO B 264 35.93 1.52 -9.02
N PRO B 265 35.95 2.68 -9.71
CA PRO B 265 34.78 3.14 -10.45
C PRO B 265 34.32 2.30 -11.64
N PRO B 266 33.07 2.50 -12.09
CA PRO B 266 32.69 2.11 -13.46
C PRO B 266 33.59 2.77 -14.49
N THR B 267 33.69 2.13 -15.67
CA THR B 267 34.44 2.69 -16.79
C THR B 267 33.79 3.98 -17.28
N VAL B 268 34.59 4.81 -17.94
CA VAL B 268 34.04 6.00 -18.56
C VAL B 268 32.88 5.59 -19.49
N GLU B 269 33.03 4.50 -20.25
CA GLU B 269 32.01 4.13 -21.23
C GLU B 269 30.70 3.85 -20.48
N GLU B 270 30.78 3.20 -19.33
CA GLU B 270 29.57 2.86 -18.60
C GLU B 270 28.89 4.10 -18.01
N ILE B 271 29.70 5.05 -17.55
CA ILE B 271 29.17 6.31 -17.05
C ILE B 271 28.53 7.06 -18.21
N GLN B 272 29.14 7.07 -19.40
CA GLN B 272 28.59 7.79 -20.55
C GLN B 272 27.27 7.18 -20.99
N ALA B 273 27.13 5.85 -20.87
CA ALA B 273 25.85 5.26 -21.26
C ALA B 273 24.74 5.85 -20.38
N ALA B 274 25.04 5.98 -19.10
CA ALA B 274 24.07 6.53 -18.15
C ALA B 274 23.85 8.01 -18.44
N ALA B 275 24.93 8.78 -18.61
CA ALA B 275 24.79 10.21 -18.91
C ALA B 275 24.02 10.48 -20.22
N SER B 276 24.18 9.64 -21.25
CA SER B 276 23.58 9.95 -22.56
C SER B 276 22.07 9.68 -22.57
N ALA B 277 21.55 8.97 -21.56
CA ALA B 277 20.13 8.74 -21.40
C ALA B 277 19.38 10.00 -20.91
N HIS B 278 20.10 11.14 -20.68
CA HIS B 278 19.49 12.40 -20.25
C HIS B 278 19.75 13.53 -21.28
N PRO B 279 18.95 14.63 -21.35
CA PRO B 279 19.25 15.76 -22.24
C PRO B 279 20.58 16.45 -22.00
N SER B 280 21.17 17.00 -23.07
CA SER B 280 22.58 17.36 -23.11
C SER B 280 22.94 18.55 -22.23
N ASN B 281 21.96 19.40 -21.92
CA ASN B 281 22.27 20.62 -21.21
C ASN B 281 21.84 20.50 -19.73
N LEU B 282 21.42 19.30 -19.29
CA LEU B 282 21.03 19.07 -17.91
C LEU B 282 22.26 18.74 -17.07
N PHE B 283 22.40 19.44 -15.94
CA PHE B 283 23.52 19.28 -15.01
C PHE B 283 23.44 17.90 -14.38
N LEU B 284 24.51 17.11 -14.54
CA LEU B 284 24.54 15.76 -14.04
C LEU B 284 25.53 15.63 -12.89
N TYR B 285 25.15 14.81 -11.89
CA TYR B 285 26.02 14.54 -10.78
C TYR B 285 25.93 13.06 -10.45
N ASN B 286 26.79 12.61 -9.55
CA ASN B 286 26.75 11.26 -9.02
C ASN B 286 27.02 11.33 -7.52
N TYR B 287 26.05 10.82 -6.75
CA TYR B 287 26.17 10.72 -5.31
C TYR B 287 26.98 9.46 -5.02
N THR B 288 28.30 9.64 -4.91
CA THR B 288 29.26 8.55 -4.93
C THR B 288 29.39 7.79 -3.60
N ALA B 289 29.38 8.55 -2.49
CA ALA B 289 29.60 8.02 -1.16
C ALA B 289 29.00 8.97 -0.11
N ASP B 290 28.88 8.48 1.12
CA ASP B 290 28.21 9.20 2.20
C ASP B 290 29.03 9.15 3.48
N GLU B 291 29.29 10.33 4.05
CA GLU B 291 29.86 10.51 5.37
C GLU B 291 31.16 9.72 5.53
N ILE B 292 32.02 9.80 4.51
CA ILE B 292 33.26 9.01 4.49
C ILE B 292 34.47 9.89 4.76
N GLY B 293 34.25 11.11 5.27
CA GLY B 293 35.35 11.98 5.59
C GLY B 293 36.16 11.41 6.75
N HIS B 294 37.36 11.97 6.95
CA HIS B 294 38.26 11.63 8.05
C HIS B 294 38.94 10.28 7.91
N TYR B 295 38.84 9.69 6.71
CA TYR B 295 39.52 8.46 6.36
C TYR B 295 40.40 8.73 5.15
N THR B 296 41.65 9.08 5.44
CA THR B 296 42.63 9.46 4.45
C THR B 296 42.86 8.28 3.49
N SER B 297 42.57 7.07 3.95
CA SER B 297 42.76 5.84 3.17
C SER B 297 41.82 5.78 1.95
N LEU B 298 40.72 6.56 1.94
CA LEU B 298 39.77 6.53 0.84
C LEU B 298 40.05 7.62 -0.21
N TYR B 299 41.08 8.45 -0.04
CA TYR B 299 41.32 9.60 -0.89
C TYR B 299 41.74 9.21 -2.31
N GLU B 300 42.64 8.22 -2.45
CA GLU B 300 43.06 7.80 -3.77
C GLU B 300 41.86 7.23 -4.52
N PRO B 301 41.06 6.34 -3.91
CA PRO B 301 39.84 5.85 -4.57
C PRO B 301 38.84 6.95 -4.94
N ILE B 302 38.66 7.99 -4.12
CA ILE B 302 37.78 9.11 -4.46
C ILE B 302 38.30 9.81 -5.71
N LYS B 303 39.63 10.03 -5.81
CA LYS B 303 40.20 10.65 -6.99
C LYS B 303 40.00 9.81 -8.26
N ALA B 304 40.07 8.48 -8.13
CA ALA B 304 39.82 7.57 -9.26
C ALA B 304 38.38 7.70 -9.79
N TRP B 305 37.41 7.67 -8.86
CA TRP B 305 36.00 7.90 -9.20
C TRP B 305 35.85 9.24 -9.90
N ALA B 306 36.50 10.25 -9.37
CA ALA B 306 36.36 11.60 -9.87
C ALA B 306 36.90 11.70 -11.30
N ARG B 307 38.06 11.08 -11.55
CA ARG B 307 38.64 11.13 -12.90
C ARG B 307 37.66 10.55 -13.93
N ASN B 308 37.10 9.38 -13.64
CA ASN B 308 36.14 8.73 -14.54
C ASN B 308 34.91 9.61 -14.74
N LEU B 309 34.38 10.11 -13.61
CA LEU B 309 33.17 10.92 -13.67
C LEU B 309 33.45 12.15 -14.53
N HIS B 310 34.61 12.81 -14.32
CA HIS B 310 34.95 14.03 -15.02
C HIS B 310 35.14 13.81 -16.52
N GLU B 311 35.69 12.67 -16.94
CA GLU B 311 35.86 12.43 -18.37
C GLU B 311 34.50 12.23 -19.03
N ALA B 312 33.50 11.80 -18.22
CA ALA B 312 32.15 11.58 -18.70
C ALA B 312 31.26 12.83 -18.56
N GLY B 313 31.81 13.96 -18.08
CA GLY B 313 31.12 15.24 -17.91
C GLY B 313 30.14 15.25 -16.72
N VAL B 314 30.47 14.51 -15.65
CA VAL B 314 29.58 14.30 -14.51
C VAL B 314 30.26 14.86 -13.25
N ALA B 315 29.51 15.60 -12.42
CA ALA B 315 30.03 16.09 -11.15
C ALA B 315 30.01 15.00 -10.06
N ASN B 316 31.06 14.98 -9.22
CA ASN B 316 31.14 14.10 -8.06
C ASN B 316 30.61 14.78 -6.78
N LEU B 317 29.56 14.18 -6.18
CA LEU B 317 28.89 14.64 -4.96
C LEU B 317 29.18 13.66 -3.84
N ILE B 318 29.74 14.21 -2.74
CA ILE B 318 29.94 13.48 -1.50
C ILE B 318 29.53 14.35 -0.30
N THR B 319 28.90 13.71 0.70
CA THR B 319 28.67 14.27 2.04
C THR B 319 29.96 14.23 2.86
N MET B 320 30.87 15.15 2.50
CA MET B 320 32.06 15.38 3.29
C MET B 320 32.46 16.84 3.15
N ALA B 321 33.18 17.32 4.17
CA ALA B 321 33.69 18.68 4.21
C ALA B 321 34.95 18.81 3.36
N PRO B 322 35.14 19.97 2.71
CA PRO B 322 36.34 20.28 1.95
C PRO B 322 37.60 20.00 2.74
N VAL B 323 38.50 19.23 2.10
CA VAL B 323 39.83 18.95 2.63
C VAL B 323 40.84 19.18 1.50
N PRO B 324 41.97 19.87 1.79
CA PRO B 324 42.94 20.22 0.74
C PRO B 324 43.53 19.14 -0.16
N GLU B 325 43.69 17.94 0.40
CA GLU B 325 44.17 16.73 -0.24
C GLU B 325 43.26 16.27 -1.38
N LEU B 326 42.01 16.76 -1.41
CA LEU B 326 41.03 16.41 -2.43
C LEU B 326 40.72 17.62 -3.32
N TYR B 327 41.53 18.68 -3.27
CA TYR B 327 41.35 19.84 -4.14
C TYR B 327 41.91 19.56 -5.55
N ASP B 328 42.50 18.38 -5.77
CA ASP B 328 43.01 17.98 -7.08
C ASP B 328 42.70 16.50 -7.35
N ASP B 329 42.08 16.21 -8.53
CA ASP B 329 41.61 14.88 -8.91
C ASP B 329 42.72 14.04 -9.55
N GLY B 330 43.92 14.61 -9.70
CA GLY B 330 45.07 13.85 -10.18
C GLY B 330 45.13 13.77 -11.71
N SER B 331 44.25 14.49 -12.40
CA SER B 331 44.21 14.49 -13.85
C SER B 331 45.24 15.45 -14.45
N GLY B 332 45.57 16.53 -13.74
CA GLY B 332 46.32 17.65 -14.28
C GLY B 332 45.43 18.83 -14.70
N SER B 333 44.10 18.66 -14.65
CA SER B 333 43.18 19.75 -15.00
C SER B 333 43.14 20.78 -13.86
N GLY B 334 43.49 20.35 -12.65
CA GLY B 334 43.39 21.19 -11.46
C GLY B 334 42.02 21.10 -10.77
N ARG B 335 41.08 20.35 -11.37
CA ARG B 335 39.74 20.19 -10.84
C ARG B 335 39.76 19.41 -9.54
N SER B 336 38.86 19.76 -8.60
CA SER B 336 38.78 19.03 -7.33
C SER B 336 38.29 17.60 -7.56
N ALA B 337 38.63 16.72 -6.59
CA ALA B 337 38.10 15.36 -6.55
C ALA B 337 36.61 15.32 -6.19
N VAL B 338 36.11 16.37 -5.54
CA VAL B 338 34.70 16.47 -5.14
C VAL B 338 34.19 17.80 -5.68
N ASP B 339 33.15 17.78 -6.52
CA ASP B 339 32.61 18.98 -7.17
C ASP B 339 31.53 19.63 -6.31
N ILE B 340 30.83 18.80 -5.55
CA ILE B 340 29.70 19.21 -4.72
C ILE B 340 29.94 18.62 -3.33
N TRP B 341 30.53 19.45 -2.46
CA TRP B 341 30.78 19.12 -1.08
C TRP B 341 29.52 19.40 -0.28
N VAL B 342 28.95 18.36 0.34
CA VAL B 342 27.69 18.55 1.04
C VAL B 342 27.98 18.39 2.54
N ILE B 343 27.61 19.41 3.32
CA ILE B 343 28.03 19.50 4.71
C ILE B 343 26.83 19.79 5.63
N LEU B 344 26.94 19.29 6.84
CA LEU B 344 26.09 19.69 7.94
C LEU B 344 26.50 21.09 8.36
N PRO B 345 25.57 21.82 9.02
CA PRO B 345 25.92 23.10 9.63
C PRO B 345 27.15 23.01 10.53
N LEU B 346 27.24 21.94 11.36
CA LEU B 346 28.28 21.84 12.35
C LEU B 346 29.64 21.70 11.68
N GLN B 347 29.69 21.31 10.40
CA GLN B 347 30.96 21.05 9.72
C GLN B 347 31.48 22.29 8.97
N TYR B 348 30.71 23.40 8.99
CA TYR B 348 31.08 24.62 8.29
C TYR B 348 32.46 25.15 8.76
N ASP B 349 33.35 25.39 7.79
CA ASP B 349 34.68 25.92 8.05
C ASP B 349 34.92 26.99 6.99
N LYS B 350 34.86 28.25 7.42
CA LYS B 350 34.78 29.39 6.52
C LYS B 350 35.97 29.36 5.56
N ASP B 351 37.17 29.10 6.07
CA ASP B 351 38.35 29.29 5.23
C ASP B 351 38.43 28.22 4.13
N ARG B 352 38.04 26.98 4.49
CA ARG B 352 38.03 25.88 3.52
C ARG B 352 36.92 26.09 2.49
N ILE B 353 35.72 26.52 2.93
CA ILE B 353 34.62 26.79 2.01
C ILE B 353 35.01 27.89 1.02
N GLN B 354 35.63 28.97 1.50
CA GLN B 354 35.98 30.09 0.63
C GLN B 354 36.91 29.63 -0.49
N GLU B 355 37.82 28.70 -0.17
CA GLU B 355 38.79 28.17 -1.11
C GLU B 355 38.13 27.37 -2.23
N VAL B 356 37.23 26.43 -1.87
CA VAL B 356 36.62 25.60 -2.90
C VAL B 356 35.63 26.43 -3.71
N LEU B 357 34.99 27.44 -3.10
CA LEU B 357 34.07 28.27 -3.88
C LEU B 357 34.86 29.07 -4.92
N ALA B 358 36.04 29.56 -4.51
CA ALA B 358 36.88 30.37 -5.39
C ALA B 358 37.35 29.58 -6.61
N LYS B 359 37.60 28.28 -6.44
CA LYS B 359 38.20 27.50 -7.49
C LYS B 359 37.12 26.84 -8.33
N GLY B 360 35.84 26.98 -7.95
CA GLY B 360 34.70 26.69 -8.82
C GLY B 360 33.84 25.50 -8.40
N ASP B 361 34.07 24.97 -7.18
CA ASP B 361 33.25 23.91 -6.63
C ASP B 361 31.96 24.49 -6.06
N GLU B 362 30.98 23.61 -5.81
CA GLU B 362 29.80 23.97 -5.05
C GLU B 362 29.86 23.36 -3.66
N VAL B 363 29.24 24.08 -2.71
CA VAL B 363 29.02 23.56 -1.36
C VAL B 363 27.52 23.62 -1.10
N TRP B 364 26.96 22.47 -0.73
CA TRP B 364 25.55 22.37 -0.36
C TRP B 364 25.43 22.06 1.13
N SER B 365 24.24 22.34 1.71
CA SER B 365 23.96 21.99 3.09
C SER B 365 23.03 20.78 3.13
N TYR B 366 23.14 20.01 4.21
CA TYR B 366 22.18 18.96 4.53
C TYR B 366 21.98 18.97 6.04
N ASN B 367 20.98 18.22 6.52
CA ASN B 367 20.58 18.30 7.91
C ASN B 367 20.08 16.93 8.32
N CYS B 368 20.29 16.53 9.57
CA CYS B 368 19.58 15.42 10.17
C CYS B 368 19.88 15.37 11.66
N CYS B 369 18.99 14.70 12.39
CA CYS B 369 19.13 14.50 13.81
C CYS B 369 19.25 15.82 14.57
N VAL B 370 19.92 15.82 15.73
CA VAL B 370 20.07 16.99 16.56
C VAL B 370 21.50 17.03 17.12
N GLN B 371 22.41 17.51 16.29
CA GLN B 371 23.84 17.23 16.44
C GLN B 371 24.67 18.37 17.03
N ASP B 372 24.07 19.52 17.27
CA ASP B 372 24.76 20.67 17.84
C ASP B 372 23.77 21.55 18.58
N ASP B 373 24.34 22.58 19.23
CA ASP B 373 23.62 23.45 20.15
C ASP B 373 23.03 24.70 19.48
N TYR B 374 23.19 24.91 18.16
CA TYR B 374 22.94 26.23 17.58
C TYR B 374 22.25 26.26 16.20
N SER B 375 22.38 25.23 15.39
CA SER B 375 21.91 25.25 14.00
C SER B 375 20.41 24.96 13.89
N PRO B 376 19.77 25.37 12.78
CA PRO B 376 18.37 24.96 12.51
C PRO B 376 18.29 23.43 12.52
N LYS B 377 17.19 22.89 13.11
CA LYS B 377 17.01 21.45 13.28
C LYS B 377 15.72 21.06 12.58
N TRP B 378 15.80 19.93 11.86
CA TRP B 378 14.70 19.47 11.04
C TRP B 378 13.99 18.33 11.76
N GLN B 379 13.17 18.66 12.75
CA GLN B 379 12.22 17.71 13.34
C GLN B 379 10.91 18.49 13.50
N ILE B 380 9.78 17.79 13.64
CA ILE B 380 8.47 18.42 13.73
C ILE B 380 8.33 19.32 14.96
N ASP B 381 8.97 18.95 16.07
CA ASP B 381 8.76 19.66 17.33
C ASP B 381 9.64 20.91 17.46
N PHE B 382 10.45 21.23 16.45
CA PHE B 382 11.18 22.48 16.43
C PHE B 382 10.33 23.58 15.77
N ASN B 383 10.74 24.83 15.94
CA ASN B 383 10.10 25.97 15.29
C ASN B 383 10.02 25.74 13.78
N PRO B 384 8.82 25.92 13.15
CA PRO B 384 8.69 25.71 11.71
C PRO B 384 9.60 26.52 10.80
N ILE B 385 10.08 27.69 11.26
CA ILE B 385 11.01 28.50 10.48
C ILE B 385 12.30 27.75 10.09
N GLU B 386 12.67 26.73 10.85
CA GLU B 386 13.97 26.08 10.66
C GLU B 386 14.08 25.37 9.31
N TYR B 387 12.93 24.92 8.75
CA TYR B 387 12.91 24.30 7.44
C TYR B 387 13.01 25.34 6.33
N ARG B 388 12.57 26.59 6.59
CA ARG B 388 12.64 27.64 5.59
C ARG B 388 14.00 28.34 5.57
N ILE B 389 14.59 28.57 6.75
CA ILE B 389 15.71 29.51 6.82
C ILE B 389 17.00 28.90 6.28
N GLN B 390 17.15 27.57 6.34
CA GLN B 390 18.35 26.91 5.82
C GLN B 390 18.47 27.05 4.30
N PRO B 391 17.51 26.59 3.48
CA PRO B 391 17.71 26.58 2.02
C PRO B 391 17.85 27.97 1.39
N GLY B 392 17.26 29.00 2.02
CA GLY B 392 17.17 30.35 1.48
C GLY B 392 18.26 31.25 2.07
N PHE B 393 17.93 31.96 3.16
CA PHE B 393 18.76 33.05 3.63
C PHE B 393 20.13 32.53 4.09
N ILE B 394 20.18 31.46 4.90
CA ILE B 394 21.51 31.07 5.42
C ILE B 394 22.39 30.55 4.28
N ASN B 395 21.87 29.67 3.43
CA ASN B 395 22.62 29.17 2.29
C ASN B 395 23.21 30.34 1.47
N GLN B 396 22.39 31.36 1.16
CA GLN B 396 22.86 32.49 0.35
C GLN B 396 23.92 33.27 1.11
N SER B 397 23.74 33.51 2.41
CA SER B 397 24.69 34.26 3.23
C SER B 397 26.09 33.60 3.17
N LEU B 398 26.12 32.29 3.00
CA LEU B 398 27.34 31.50 3.11
C LEU B 398 27.86 31.01 1.76
N GLY B 399 27.13 31.35 0.68
CA GLY B 399 27.59 30.99 -0.64
C GLY B 399 27.30 29.54 -1.05
N MET B 400 26.36 28.92 -0.32
CA MET B 400 25.96 27.55 -0.62
C MET B 400 24.83 27.55 -1.65
N THR B 401 24.83 26.55 -2.52
CA THR B 401 24.08 26.58 -3.76
C THR B 401 23.18 25.36 -3.95
N GLY B 402 23.01 24.54 -2.89
CA GLY B 402 22.04 23.45 -2.94
C GLY B 402 21.74 22.89 -1.55
N ILE B 403 20.86 21.88 -1.51
CA ILE B 403 20.45 21.22 -0.30
CA ILE B 403 20.42 21.21 -0.30
C ILE B 403 20.23 19.73 -0.59
N LEU B 404 20.58 18.88 0.37
CA LEU B 404 20.38 17.43 0.32
C LEU B 404 19.58 16.98 1.55
N TYR B 405 18.75 15.92 1.37
CA TYR B 405 18.10 15.31 2.51
C TYR B 405 18.01 13.81 2.23
N TRP B 406 18.35 13.01 3.24
CA TRP B 406 18.64 11.59 3.00
C TRP B 406 17.40 10.75 2.69
N ARG B 407 16.19 11.17 3.10
CA ARG B 407 15.00 10.38 2.86
C ARG B 407 13.74 11.24 3.07
N VAL B 408 12.68 10.98 2.29
CA VAL B 408 11.43 11.71 2.44
C VAL B 408 10.27 10.81 2.89
N ASP B 409 10.43 9.47 2.81
CA ASP B 409 9.35 8.50 3.03
C ASP B 409 9.68 7.47 4.13
N PHE B 410 10.29 7.92 5.24
CA PHE B 410 10.67 7.05 6.34
C PHE B 410 9.50 6.82 7.30
N TRP B 411 8.45 6.19 6.78
CA TRP B 411 7.21 6.00 7.52
C TRP B 411 7.32 4.93 8.59
N THR B 412 6.64 5.17 9.70
CA THR B 412 6.34 4.16 10.73
C THR B 412 5.24 3.23 10.20
N GLU B 413 4.87 2.25 11.03
CA GLU B 413 3.75 1.36 10.68
C GLU B 413 2.40 2.08 10.77
N ASP B 414 2.32 3.24 11.45
CA ASP B 414 1.09 4.01 11.58
C ASP B 414 1.38 5.47 11.23
N PRO B 415 1.68 5.78 9.96
CA PRO B 415 2.32 7.06 9.62
C PRO B 415 1.47 8.32 9.81
N TRP B 416 0.14 8.19 9.91
CA TRP B 416 -0.71 9.37 10.18
C TRP B 416 -0.86 9.65 11.67
N HIS B 417 -0.41 8.72 12.55
CA HIS B 417 -0.59 8.90 13.99
C HIS B 417 0.72 8.81 14.80
N ASP B 418 1.74 8.20 14.22
CA ASP B 418 3.04 8.03 14.86
C ASP B 418 4.15 8.59 13.97
N VAL B 419 4.77 9.69 14.40
CA VAL B 419 5.81 10.34 13.60
C VAL B 419 7.15 10.21 14.30
N LEU B 420 7.29 9.30 15.29
CA LEU B 420 8.60 9.03 15.88
C LEU B 420 9.29 8.01 14.97
N THR B 421 10.03 8.51 13.97
CA THR B 421 10.52 7.72 12.84
C THR B 421 11.86 7.07 13.16
N LEU B 422 12.59 7.58 14.15
CA LEU B 422 13.93 7.09 14.48
C LEU B 422 14.17 7.15 15.98
N ARG B 423 14.59 5.99 16.52
CA ARG B 423 14.99 5.80 17.89
C ARG B 423 16.42 5.25 17.87
N ALA B 424 17.33 5.97 18.50
CA ALA B 424 18.74 5.60 18.55
C ALA B 424 19.41 6.20 19.78
N ASP B 425 20.20 5.36 20.48
CA ASP B 425 21.13 5.81 21.51
C ASP B 425 20.43 6.65 22.57
N GLY B 426 19.22 6.25 22.93
CA GLY B 426 18.50 6.89 24.02
C GLY B 426 17.79 8.16 23.55
N MET B 427 17.82 8.42 22.24
CA MET B 427 17.19 9.59 21.64
C MET B 427 16.06 9.16 20.69
N GLU B 428 15.09 10.08 20.52
CA GLU B 428 13.94 9.90 19.65
C GLU B 428 13.85 11.10 18.73
N PHE B 429 13.50 10.83 17.47
CA PHE B 429 13.47 11.85 16.40
C PHE B 429 12.07 11.84 15.77
N ASN B 430 11.41 13.00 15.78
CA ASN B 430 10.03 13.14 15.30
C ASN B 430 10.00 13.80 13.92
N GLY B 431 9.91 12.98 12.88
CA GLY B 431 9.84 13.44 11.51
C GLY B 431 11.13 13.26 10.70
N GLU B 432 12.14 12.65 11.34
CA GLU B 432 13.42 12.40 10.66
C GLU B 432 13.14 11.56 9.43
N GLY B 433 13.62 12.02 8.27
CA GLY B 433 13.47 11.28 7.04
C GLY B 433 12.05 11.21 6.49
N MET B 434 11.12 12.06 6.96
CA MET B 434 9.71 11.95 6.59
C MET B 434 9.18 13.36 6.29
N LEU B 435 8.95 13.68 5.01
CA LEU B 435 8.44 14.99 4.62
C LEU B 435 7.11 14.90 3.88
N VAL B 436 6.70 13.67 3.54
CA VAL B 436 5.40 13.44 2.92
C VAL B 436 4.73 12.28 3.62
N TYR B 437 3.40 12.20 3.43
CA TYR B 437 2.58 11.19 4.06
C TYR B 437 1.91 10.35 3.00
N PRO B 438 1.67 9.04 3.25
CA PRO B 438 0.97 8.20 2.29
C PRO B 438 -0.46 8.68 2.07
N GLY B 439 -0.97 8.57 0.85
CA GLY B 439 -2.31 9.08 0.61
C GLY B 439 -3.47 8.13 0.95
N GLU B 440 -3.18 6.85 1.26
CA GLU B 440 -4.25 5.88 1.49
C GLU B 440 -5.24 6.37 2.56
N GLN B 441 -4.74 6.91 3.66
CA GLN B 441 -5.56 7.36 4.76
C GLN B 441 -6.56 8.46 4.34
N VAL B 442 -6.28 9.22 3.25
CA VAL B 442 -7.14 10.31 2.76
C VAL B 442 -7.80 9.94 1.44
N GLY B 443 -7.79 8.63 1.13
CA GLY B 443 -8.52 8.11 -0.01
C GLY B 443 -7.85 8.38 -1.35
N ILE B 444 -6.55 8.66 -1.36
CA ILE B 444 -5.91 8.83 -2.66
C ILE B 444 -4.65 7.98 -2.81
N ASP B 445 -4.24 7.81 -4.05
CA ASP B 445 -3.15 6.92 -4.38
C ASP B 445 -1.79 7.56 -4.05
N GLY B 446 -1.60 8.84 -4.33
CA GLY B 446 -0.27 9.39 -4.20
C GLY B 446 -0.04 10.01 -2.83
N VAL B 447 1.18 10.49 -2.61
CA VAL B 447 1.53 11.01 -1.29
C VAL B 447 0.95 12.41 -1.16
N VAL B 448 0.88 12.90 0.09
CA VAL B 448 0.44 14.26 0.35
C VAL B 448 1.52 14.99 1.13
N PRO B 449 1.58 16.32 0.98
CA PRO B 449 2.66 17.07 1.61
C PRO B 449 2.49 17.28 3.12
N SER B 450 3.60 17.65 3.74
CA SER B 450 3.62 18.22 5.08
C SER B 450 3.77 19.74 5.06
N ILE B 451 3.49 20.33 6.21
CA ILE B 451 3.73 21.75 6.44
C ILE B 451 5.23 22.06 6.30
N ARG B 452 6.09 21.10 6.69
CA ARG B 452 7.54 21.28 6.62
C ARG B 452 7.97 21.33 5.16
N LEU B 453 7.32 20.54 4.28
CA LEU B 453 7.66 20.60 2.87
C LEU B 453 7.29 21.96 2.27
N LYS B 454 6.20 22.57 2.74
CA LYS B 454 5.83 23.90 2.29
C LYS B 454 6.87 24.94 2.74
N ALA B 455 7.46 24.75 3.91
CA ALA B 455 8.54 25.64 4.37
C ALA B 455 9.81 25.54 3.54
N ILE B 456 10.19 24.34 3.16
CA ILE B 456 11.35 24.16 2.30
C ILE B 456 11.11 24.83 0.96
N ARG B 457 9.92 24.63 0.39
CA ARG B 457 9.55 25.32 -0.87
C ARG B 457 9.72 26.84 -0.74
N LYS B 458 9.22 27.41 0.36
CA LYS B 458 9.31 28.84 0.62
C LYS B 458 10.80 29.27 0.66
N GLY B 459 11.63 28.50 1.34
CA GLY B 459 13.05 28.86 1.42
C GLY B 459 13.74 28.80 0.04
N ILE B 460 13.32 27.86 -0.79
CA ILE B 460 13.85 27.78 -2.16
C ILE B 460 13.47 29.06 -2.94
N GLU B 461 12.25 29.60 -2.73
CA GLU B 461 11.83 30.89 -3.28
C GLU B 461 12.62 32.04 -2.68
N ASP B 462 12.92 32.00 -1.38
CA ASP B 462 13.77 33.03 -0.77
C ASP B 462 15.14 33.07 -1.46
N TYR B 463 15.70 31.88 -1.71
CA TYR B 463 17.00 31.78 -2.34
C TYR B 463 16.94 32.46 -3.71
N GLU B 464 15.82 32.23 -4.41
CA GLU B 464 15.60 32.80 -5.73
C GLU B 464 15.60 34.32 -5.73
N TYR B 465 14.95 34.95 -4.72
CA TYR B 465 14.91 36.39 -4.57
C TYR B 465 16.33 36.95 -4.58
N ILE B 466 17.20 36.33 -3.79
CA ILE B 466 18.58 36.80 -3.66
C ILE B 466 19.31 36.57 -4.98
N GLU B 467 19.09 35.43 -5.61
CA GLU B 467 19.75 35.12 -6.88
C GLU B 467 19.38 36.14 -7.96
N ILE B 468 18.10 36.51 -8.03
CA ILE B 468 17.62 37.51 -8.98
C ILE B 468 18.40 38.82 -8.77
N LEU B 469 18.50 39.28 -7.53
CA LEU B 469 19.19 40.52 -7.22
C LEU B 469 20.68 40.44 -7.54
N LYS B 470 21.30 39.28 -7.31
CA LYS B 470 22.64 39.05 -7.84
C LYS B 470 22.72 39.25 -9.35
N ASN B 471 21.79 38.68 -10.11
CA ASN B 471 21.80 38.77 -11.57
C ASN B 471 21.52 40.21 -12.03
N LEU B 472 20.81 41.01 -11.23
CA LEU B 472 20.56 42.41 -11.54
C LEU B 472 21.74 43.29 -11.10
N GLY B 473 22.80 42.72 -10.56
CA GLY B 473 23.97 43.48 -10.12
C GLY B 473 23.78 44.17 -8.78
N HIS B 474 23.04 43.54 -7.85
CA HIS B 474 22.81 44.10 -6.53
C HIS B 474 23.18 43.10 -5.42
N GLU B 475 24.20 42.29 -5.66
CA GLU B 475 24.59 41.24 -4.72
C GLU B 475 24.92 41.78 -3.32
N GLN B 476 25.71 42.85 -3.21
CA GLN B 476 26.12 43.32 -1.88
C GLN B 476 24.93 43.75 -1.03
N TRP B 477 23.97 44.47 -1.63
CA TRP B 477 22.82 44.92 -0.89
C TRP B 477 21.98 43.72 -0.44
N ALA B 478 21.82 42.75 -1.34
CA ALA B 478 20.96 41.58 -1.08
C ALA B 478 21.58 40.73 0.03
N LEU B 479 22.91 40.61 0.01
CA LEU B 479 23.60 39.87 1.05
C LEU B 479 23.48 40.59 2.39
N GLU B 480 23.44 41.95 2.41
CA GLU B 480 23.30 42.67 3.68
C GLU B 480 21.89 42.40 4.26
N ILE B 481 20.88 42.28 3.40
CA ILE B 481 19.55 41.89 3.87
C ILE B 481 19.61 40.45 4.42
N SER B 482 20.22 39.53 3.68
CA SER B 482 20.35 38.11 4.04
C SER B 482 21.05 37.97 5.40
N GLN B 483 22.08 38.81 5.63
CA GLN B 483 22.85 38.76 6.85
C GLN B 483 22.12 39.36 8.05
N SER B 484 21.03 40.10 7.79
CA SER B 484 20.23 40.66 8.86
C SER B 484 19.37 39.59 9.53
N VAL B 485 19.05 38.49 8.84
CA VAL B 485 18.16 37.48 9.41
C VAL B 485 18.78 36.08 9.44
N GLY B 486 19.81 35.84 8.63
CA GLY B 486 20.39 34.51 8.52
C GLY B 486 21.86 34.55 8.10
N PRO B 487 22.74 35.24 8.85
CA PRO B 487 24.11 35.40 8.42
C PRO B 487 24.95 34.13 8.43
N ASP B 488 24.63 33.18 9.33
CA ASP B 488 25.39 31.94 9.48
C ASP B 488 24.58 30.92 10.28
N TRP B 489 25.21 29.79 10.66
CA TRP B 489 24.45 28.70 11.28
C TRP B 489 24.20 28.97 12.77
N HIS B 490 24.89 29.96 13.32
CA HIS B 490 24.85 30.30 14.73
C HIS B 490 23.82 31.37 15.07
N ASN B 491 23.73 32.38 14.20
CA ASN B 491 22.99 33.62 14.38
C ASN B 491 22.01 33.65 13.20
N TRP B 492 20.78 33.34 13.53
CA TRP B 492 19.69 33.39 12.57
C TRP B 492 18.42 33.63 13.36
N THR B 493 17.44 34.30 12.76
CA THR B 493 16.22 34.70 13.46
C THR B 493 15.29 33.51 13.64
N LYS B 494 14.65 33.50 14.80
CA LYS B 494 13.58 32.55 15.13
C LYS B 494 12.21 33.16 14.84
N ASP B 495 12.19 34.41 14.37
CA ASP B 495 10.95 35.20 14.35
C ASP B 495 10.46 35.30 12.90
N HIS B 496 9.33 34.68 12.56
CA HIS B 496 8.85 34.71 11.18
C HIS B 496 8.63 36.13 10.68
N HIS B 497 8.22 37.04 11.59
CA HIS B 497 7.95 38.42 11.19
C HIS B 497 9.23 39.05 10.61
N LYS B 498 10.38 38.73 11.19
CA LYS B 498 11.64 39.34 10.74
C LYS B 498 12.00 38.80 9.36
N LEU B 499 11.76 37.50 9.13
CA LEU B 499 12.01 36.85 7.88
C LEU B 499 11.09 37.44 6.81
N GLU B 500 9.81 37.69 7.15
CA GLU B 500 8.86 38.26 6.20
C GLU B 500 9.29 39.70 5.84
N TRP B 501 9.74 40.44 6.85
CA TRP B 501 10.24 41.80 6.67
C TRP B 501 11.40 41.83 5.66
N ALA B 502 12.38 40.94 5.84
CA ALA B 502 13.53 40.88 4.94
C ALA B 502 13.10 40.51 3.52
N ARG B 503 12.30 39.45 3.35
CA ARG B 503 11.80 39.10 2.04
C ARG B 503 11.10 40.27 1.34
N LYS B 504 10.27 41.01 2.09
CA LYS B 504 9.51 42.10 1.51
C LYS B 504 10.48 43.19 1.01
N GLN B 505 11.58 43.44 1.72
CA GLN B 505 12.59 44.42 1.27
C GLN B 505 13.18 44.00 -0.06
N LEU B 506 13.49 42.71 -0.17
CA LEU B 506 14.06 42.18 -1.39
C LEU B 506 13.04 42.32 -2.53
N GLY B 507 11.79 41.91 -2.29
CA GLY B 507 10.82 41.95 -3.37
C GLY B 507 10.51 43.36 -3.87
N GLU B 508 10.37 44.29 -2.92
CA GLU B 508 10.13 45.69 -3.24
C GLU B 508 11.28 46.24 -4.07
N ARG B 509 12.53 45.85 -3.77
CA ARG B 509 13.67 46.34 -4.55
C ARG B 509 13.66 45.77 -5.97
N ILE B 510 13.42 44.46 -6.13
CA ILE B 510 13.36 43.87 -7.45
C ILE B 510 12.23 44.55 -8.23
N ASN B 511 11.06 44.65 -7.61
CA ASN B 511 9.91 45.30 -8.23
C ASN B 511 10.25 46.69 -8.78
N ASP B 512 10.91 47.50 -7.95
CA ASP B 512 11.39 48.83 -8.34
C ASP B 512 12.32 48.75 -9.54
N LEU B 513 13.28 47.81 -9.53
CA LEU B 513 14.32 47.78 -10.57
C LEU B 513 13.68 47.42 -11.90
N MET B 514 12.60 46.64 -11.85
CA MET B 514 12.00 46.11 -13.06
C MET B 514 10.91 47.05 -13.60
N THR B 515 10.52 48.08 -12.86
CA THR B 515 9.42 48.91 -13.30
C THR B 515 9.95 50.19 -13.93
N LYS B 516 10.97 50.81 -13.31
CA LYS B 516 11.78 51.80 -13.99
C LYS B 516 12.07 51.32 -15.42
#